data_8V1W
#
_entry.id   8V1W
#
_cell.length_a   72.433
_cell.length_b   103.514
_cell.length_c   114.947
_cell.angle_alpha   90.000
_cell.angle_beta   90.000
_cell.angle_gamma   90.000
#
_symmetry.space_group_name_H-M   'P 21 21 21'
#
loop_
_entity.id
_entity.type
_entity.pdbx_description
1 polymer 'DNA ligase 1'
2 polymer "DNA (5'-D(*GP*CP*TP*GP*AP*TP*GP*CP*GP*TP*C)-3')"
3 polymer "DNA (5'-D(P*GP*TP*CP*GP*GP*AP*C)-3')"
4 polymer "DNA (5'-D(*GP*TP*CP*CP*GP*AP*CP*GP*AP*CP*GP*CP*AP*TP*CP*AP*GP*C)-3')"
5 non-polymer '2-(N-MORPHOLINO)-ETHANESULFONIC ACID'
6 non-polymer 'ADENOSINE MONOPHOSPHATE'
7 water water
#
loop_
_entity_poly.entity_id
_entity_poly.type
_entity_poly.pdbx_seq_one_letter_code
_entity_poly.pdbx_strand_id
1 'polypeptide(L)'
;SNDMDPSGYNPAKNNYHPVEDACWKPGQKVPYLAVARTFEKIEEVSARLRMVETLSNLLRSVVALSPPDLLPVLYLSLNH
LGPPQQGLELGVGDGVLLKAVAQATGRQLESVRAEAAEKGDVGLVAENSRSTQRLMLPPPPLTASGVFSKFRDIARLTGS
ASTAKKIDIIKGLFVACRHSEARFIARSLSGRLRLGLAEQSVLAALSQAVSLTPPGQEFPPAMVDAGKGKTAEARKTWLE
EQGMILKQTFCEVPDLDRIIPVLLEHGLERLPEHCKLSPGIPLKPMLAHPTRGISEVLKRFEEAAFTCEYKYDGQRAQIH
ALEGGEVKIFSRNQEDNTGKYPDIISRIPKIKLPSVTSFILDTEAVAWDREKKQIQPFQVLTTRKRKEVDASEIQVQVCL
YAFDLIYLNGESLVREPLSRRRQLLRENFVETEGEFVFATSLDTKDIEQIAEFLEQSVKDSCEGLMVKTLDVDATYEIAK
RSHNWLKLKKDYLDGVGDTLDLVVIGAYLGRGKRAGRYGGFLLASYDEDSEELQAICKLGTGFSDEELEEHHQSLKALVL
PSPRPYVRIDGAVIPDHWLDPSAVWEVKCADLSLSPIYPAARGLVDSDKGISLRAPRFIRVREDKQPEQATTSAQVACLY
RKQSQIQ
;
A
2 'polydeoxyribonucleotide' (DG)(DC)(DT)(DG)(DA)(DT)(DG)(DC)(DG)(DT)(DC) B
3 'polydeoxyribonucleotide' (DG)(DT)(DC)(DG)(DG)(DA)(DC) C
4 'polydeoxyribonucleotide' (DG)(DT)(DC)(DC)(DG)(DA)(DC)(DG)(DA)(DC)(DG)(DC)(DA)(DT)(DC)(DA)(DG)(DC) D
#
loop_
_chem_comp.id
_chem_comp.type
_chem_comp.name
_chem_comp.formula
AMP non-polymer 'ADENOSINE MONOPHOSPHATE' 'C10 H14 N5 O7 P'
DA DNA linking 2'-DEOXYADENOSINE-5'-MONOPHOSPHATE 'C10 H14 N5 O6 P'
DC DNA linking 2'-DEOXYCYTIDINE-5'-MONOPHOSPHATE 'C9 H14 N3 O7 P'
DG DNA linking 2'-DEOXYGUANOSINE-5'-MONOPHOSPHATE 'C10 H14 N5 O7 P'
DT DNA linking THYMIDINE-5'-MONOPHOSPHATE 'C10 H15 N2 O8 P'
MES non-polymer '2-(N-MORPHOLINO)-ETHANESULFONIC ACID' 'C6 H13 N O4 S'
#
# COMPACT_ATOMS: atom_id res chain seq x y z
N ASP A 3 -20.78 -33.48 -9.11
CA ASP A 3 -20.54 -34.54 -8.15
C ASP A 3 -19.22 -34.31 -7.54
N MET A 4 -18.48 -33.37 -8.10
CA MET A 4 -17.14 -33.15 -7.63
C MET A 4 -17.16 -32.56 -6.26
N ASP A 5 -16.52 -33.22 -5.32
CA ASP A 5 -16.39 -32.63 -4.03
C ASP A 5 -15.42 -31.49 -4.22
N PRO A 6 -15.74 -30.35 -3.67
CA PRO A 6 -14.81 -29.21 -3.75
C PRO A 6 -13.39 -29.52 -3.29
N SER A 7 -13.21 -30.47 -2.39
CA SER A 7 -11.86 -30.80 -1.93
C SER A 7 -10.97 -31.24 -3.09
N GLY A 8 -11.55 -31.79 -4.15
CA GLY A 8 -10.82 -32.18 -5.32
C GLY A 8 -10.75 -31.16 -6.42
N TYR A 9 -11.37 -29.99 -6.23
CA TYR A 9 -11.39 -28.97 -7.27
C TYR A 9 -9.97 -28.60 -7.69
N ASN A 10 -9.75 -28.53 -9.00
CA ASN A 10 -8.42 -28.30 -9.56
C ASN A 10 -8.50 -27.31 -10.70
N PRO A 11 -8.51 -26.01 -10.40
CA PRO A 11 -8.52 -24.98 -11.45
C PRO A 11 -7.18 -24.78 -12.14
N ALA A 12 -6.17 -25.59 -11.83
CA ALA A 12 -4.88 -25.54 -12.50
C ALA A 12 -4.77 -26.56 -13.63
N LYS A 13 -5.80 -27.36 -13.86
CA LYS A 13 -5.72 -28.43 -14.84
C LYS A 13 -5.68 -27.87 -16.25
N ASN A 14 -5.14 -28.66 -17.15
CA ASN A 14 -5.20 -28.33 -18.58
C ASN A 14 -6.62 -28.54 -19.10
N ASN A 15 -6.98 -27.79 -20.13
CA ASN A 15 -8.27 -27.91 -20.78
C ASN A 15 -9.41 -27.73 -19.76
N TYR A 16 -9.27 -26.71 -18.92
CA TYR A 16 -10.29 -26.42 -17.92
C TYR A 16 -11.58 -26.02 -18.59
N HIS A 17 -12.68 -26.69 -18.25
CA HIS A 17 -13.99 -26.35 -18.77
C HIS A 17 -14.78 -25.64 -17.67
N PRO A 18 -15.25 -24.42 -17.88
CA PRO A 18 -15.91 -23.68 -16.77
C PRO A 18 -17.07 -24.43 -16.13
N VAL A 19 -17.83 -25.21 -16.90
CA VAL A 19 -18.98 -25.91 -16.35
C VAL A 19 -18.60 -27.28 -15.80
N GLU A 20 -17.98 -28.12 -16.63
CA GLU A 20 -17.78 -29.51 -16.24
C GLU A 20 -16.74 -29.65 -15.14
N ASP A 21 -15.79 -28.74 -15.04
CA ASP A 21 -14.72 -28.84 -14.07
C ASP A 21 -14.95 -28.01 -12.82
N ALA A 22 -16.09 -27.32 -12.72
CA ALA A 22 -16.46 -26.67 -11.47
C ALA A 22 -16.90 -27.72 -10.45
N CYS A 23 -16.82 -27.35 -9.17
CA CYS A 23 -17.20 -28.24 -8.08
C CYS A 23 -18.52 -27.82 -7.43
N TRP A 24 -19.38 -27.15 -8.19
CA TRP A 24 -20.72 -26.81 -7.73
C TRP A 24 -21.63 -26.74 -8.94
N LYS A 25 -22.94 -26.72 -8.69
CA LYS A 25 -23.92 -26.82 -9.75
C LYS A 25 -24.37 -25.44 -10.21
N PRO A 26 -24.92 -25.34 -11.42
CA PRO A 26 -25.40 -24.06 -11.91
C PRO A 26 -26.38 -23.42 -10.93
N GLY A 27 -26.21 -22.10 -10.72
CA GLY A 27 -27.04 -21.35 -9.81
C GLY A 27 -26.70 -21.49 -8.35
N GLN A 28 -25.96 -22.52 -7.98
CA GLN A 28 -25.59 -22.77 -6.59
C GLN A 28 -24.52 -21.79 -6.13
N LYS A 29 -24.44 -21.57 -4.83
CA LYS A 29 -23.45 -20.70 -4.26
C LYS A 29 -22.05 -21.26 -4.45
N VAL A 30 -21.11 -20.40 -4.81
CA VAL A 30 -19.71 -20.79 -4.94
C VAL A 30 -19.22 -21.24 -3.57
N PRO A 31 -18.79 -22.50 -3.41
CA PRO A 31 -18.26 -22.93 -2.10
C PRO A 31 -16.95 -22.21 -1.79
N TYR A 32 -16.78 -21.85 -0.51
CA TYR A 32 -15.53 -21.22 -0.12
C TYR A 32 -14.35 -22.15 -0.32
N LEU A 33 -14.57 -23.45 -0.18
CA LEU A 33 -13.48 -24.41 -0.41
C LEU A 33 -12.99 -24.38 -1.86
N ALA A 34 -13.84 -23.99 -2.79
CA ALA A 34 -13.39 -23.80 -4.16
C ALA A 34 -12.39 -22.64 -4.25
N VAL A 35 -12.63 -21.57 -3.49
CA VAL A 35 -11.69 -20.45 -3.45
C VAL A 35 -10.38 -20.88 -2.78
N ALA A 36 -10.48 -21.57 -1.64
CA ALA A 36 -9.28 -22.00 -0.93
C ALA A 36 -8.42 -22.92 -1.80
N ARG A 37 -9.06 -23.84 -2.51
CA ARG A 37 -8.32 -24.72 -3.41
C ARG A 37 -7.65 -23.93 -4.52
N THR A 38 -8.35 -22.94 -5.06
CA THR A 38 -7.74 -22.04 -6.03
C THR A 38 -6.53 -21.33 -5.43
N PHE A 39 -6.64 -20.90 -4.16
CA PHE A 39 -5.53 -20.26 -3.49
C PHE A 39 -4.35 -21.24 -3.38
N GLU A 40 -4.61 -22.49 -3.02
CA GLU A 40 -3.53 -23.47 -2.92
C GLU A 40 -2.78 -23.60 -4.24
N LYS A 41 -3.53 -23.71 -5.36
CA LYS A 41 -2.88 -23.88 -6.66
C LYS A 41 -2.11 -22.64 -7.08
N ILE A 42 -2.57 -21.46 -6.69
CA ILE A 42 -1.85 -20.23 -6.98
C ILE A 42 -0.56 -20.17 -6.15
N GLU A 43 -0.62 -20.64 -4.89
CA GLU A 43 0.55 -20.62 -4.03
C GLU A 43 1.61 -21.61 -4.50
N GLU A 44 1.21 -22.65 -5.23
CA GLU A 44 2.14 -23.68 -5.66
C GLU A 44 3.07 -23.23 -6.77
N VAL A 45 2.92 -22.02 -7.30
CA VAL A 45 3.67 -21.58 -8.46
C VAL A 45 4.22 -20.18 -8.22
N SER A 46 5.20 -19.81 -9.03
CA SER A 46 5.88 -18.52 -8.90
C SER A 46 5.74 -17.62 -10.13
N ALA A 47 5.28 -18.13 -11.24
CA ALA A 47 5.08 -17.32 -12.46
C ALA A 47 3.67 -16.73 -12.45
N ARG A 48 3.58 -15.40 -12.49
CA ARG A 48 2.29 -14.74 -12.41
C ARG A 48 1.35 -15.22 -13.52
N LEU A 49 1.89 -15.48 -14.72
CA LEU A 49 1.03 -15.90 -15.82
C LEU A 49 0.30 -17.19 -15.49
N ARG A 50 0.99 -18.12 -14.82
CA ARG A 50 0.32 -19.35 -14.40
C ARG A 50 -0.66 -19.09 -13.26
N MET A 51 -0.30 -18.20 -12.32
CA MET A 51 -1.25 -17.80 -11.29
C MET A 51 -2.49 -17.18 -11.91
N VAL A 52 -2.31 -16.33 -12.92
CA VAL A 52 -3.44 -15.60 -13.50
C VAL A 52 -4.37 -16.58 -14.22
N GLU A 53 -3.82 -17.53 -14.95
CA GLU A 53 -4.66 -18.50 -15.66
C GLU A 53 -5.46 -19.33 -14.66
N THR A 54 -4.82 -19.76 -13.57
CA THR A 54 -5.51 -20.56 -12.57
C THR A 54 -6.67 -19.75 -11.94
N LEU A 55 -6.41 -18.50 -11.57
CA LEU A 55 -7.46 -17.67 -11.04
C LEU A 55 -8.54 -17.41 -12.07
N SER A 56 -8.14 -17.20 -13.33
CA SER A 56 -9.11 -16.95 -14.38
CA SER A 56 -9.11 -16.95 -14.38
C SER A 56 -10.06 -18.14 -14.55
N ASN A 57 -9.56 -19.35 -14.35
CA ASN A 57 -10.41 -20.53 -14.49
C ASN A 57 -11.54 -20.50 -13.46
N LEU A 58 -11.19 -20.24 -12.18
CA LEU A 58 -12.23 -20.10 -11.17
C LEU A 58 -13.23 -19.03 -11.59
N LEU A 59 -12.73 -17.86 -12.04
CA LEU A 59 -13.64 -16.77 -12.38
C LEU A 59 -14.53 -17.12 -13.56
N ARG A 60 -14.01 -17.90 -14.50
CA ARG A 60 -14.85 -18.32 -15.63
C ARG A 60 -15.99 -19.21 -15.14
N SER A 61 -15.71 -20.11 -14.21
CA SER A 61 -16.78 -20.93 -13.64
C SER A 61 -17.78 -20.07 -12.86
N VAL A 62 -17.29 -19.06 -12.15
CA VAL A 62 -18.19 -18.19 -11.41
C VAL A 62 -19.10 -17.44 -12.38
N VAL A 63 -18.51 -16.92 -13.46
CA VAL A 63 -19.29 -16.18 -14.45
C VAL A 63 -20.31 -17.10 -15.11
N ALA A 64 -19.91 -18.34 -15.40
CA ALA A 64 -20.79 -19.26 -16.12
C ALA A 64 -21.91 -19.77 -15.22
N LEU A 65 -21.61 -20.01 -13.94
CA LEU A 65 -22.51 -20.71 -13.04
C LEU A 65 -23.17 -19.82 -11.99
N SER A 66 -22.46 -18.82 -11.46
CA SER A 66 -22.94 -18.07 -10.29
C SER A 66 -22.48 -16.62 -10.37
N PRO A 67 -23.01 -15.88 -11.34
CA PRO A 67 -22.55 -14.49 -11.55
C PRO A 67 -22.67 -13.64 -10.29
N PRO A 68 -23.70 -13.81 -9.48
CA PRO A 68 -23.81 -12.97 -8.27
C PRO A 68 -22.63 -13.12 -7.32
N ASP A 69 -21.90 -14.24 -7.38
CA ASP A 69 -20.77 -14.47 -6.49
C ASP A 69 -19.45 -13.94 -7.05
N LEU A 70 -19.47 -13.30 -8.22
CA LEU A 70 -18.23 -12.82 -8.82
C LEU A 70 -17.59 -11.73 -7.95
N LEU A 71 -18.37 -10.75 -7.54
CA LEU A 71 -17.84 -9.65 -6.75
C LEU A 71 -17.28 -10.12 -5.41
N PRO A 72 -17.98 -10.93 -4.61
CA PRO A 72 -17.36 -11.43 -3.37
C PRO A 72 -16.11 -12.27 -3.62
N VAL A 73 -16.10 -13.10 -4.68
CA VAL A 73 -14.92 -13.91 -4.95
C VAL A 73 -13.72 -13.02 -5.29
N LEU A 74 -13.96 -11.94 -6.00
CA LEU A 74 -12.88 -11.00 -6.31
C LEU A 74 -12.34 -10.35 -5.04
N TYR A 75 -13.23 -9.83 -4.20
CA TYR A 75 -12.78 -9.19 -2.96
C TYR A 75 -12.07 -10.18 -2.06
N LEU A 76 -12.53 -11.42 -2.02
CA LEU A 76 -11.81 -12.44 -1.26
C LEU A 76 -10.40 -12.62 -1.83
N SER A 77 -10.28 -12.64 -3.18
CA SER A 77 -8.97 -12.80 -3.79
C SER A 77 -8.05 -11.63 -3.49
N LEU A 78 -8.60 -10.43 -3.40
CA LEU A 78 -7.82 -9.24 -3.08
C LEU A 78 -7.64 -9.03 -1.59
N ASN A 79 -8.35 -9.80 -0.75
CA ASN A 79 -8.36 -9.59 0.69
C ASN A 79 -8.71 -8.15 1.03
N HIS A 80 -9.78 -7.66 0.39
CA HIS A 80 -10.35 -6.35 0.70
C HIS A 80 -11.83 -6.51 1.03
N LEU A 81 -12.38 -5.53 1.75
CA LEU A 81 -13.76 -5.57 2.20
C LEU A 81 -14.70 -4.81 1.28
N GLY A 82 -14.18 -3.88 0.49
CA GLY A 82 -14.99 -3.05 -0.37
C GLY A 82 -14.18 -1.91 -0.94
N PRO A 83 -14.83 -0.97 -1.62
CA PRO A 83 -14.10 0.16 -2.20
C PRO A 83 -13.41 0.97 -1.14
N PRO A 84 -12.20 1.46 -1.41
CA PRO A 84 -11.44 2.15 -0.35
C PRO A 84 -12.13 3.40 0.19
N GLN A 85 -12.90 4.11 -0.63
CA GLN A 85 -13.49 5.36 -0.19
C GLN A 85 -14.65 5.14 0.78
N GLN A 86 -15.12 3.90 0.94
CA GLN A 86 -16.12 3.61 1.96
C GLN A 86 -15.49 3.40 3.34
N GLY A 87 -14.20 3.10 3.40
CA GLY A 87 -13.48 3.07 4.66
C GLY A 87 -13.82 1.92 5.59
N LEU A 88 -14.30 0.79 5.06
CA LEU A 88 -14.57 -0.36 5.91
C LEU A 88 -13.27 -0.93 6.46
N GLU A 89 -13.28 -1.25 7.75
CA GLU A 89 -12.09 -1.78 8.43
C GLU A 89 -12.49 -2.93 9.34
N LEU A 90 -11.77 -4.05 9.22
CA LEU A 90 -12.06 -5.21 10.07
C LEU A 90 -11.99 -4.86 11.54
N GLY A 91 -10.98 -4.08 11.94
CA GLY A 91 -10.74 -3.89 13.35
C GLY A 91 -10.27 -5.14 14.06
N VAL A 92 -9.59 -6.02 13.34
CA VAL A 92 -9.14 -7.31 13.87
C VAL A 92 -7.65 -7.40 13.64
N GLY A 93 -6.90 -7.58 14.72
CA GLY A 93 -5.47 -7.80 14.65
C GLY A 93 -5.07 -9.20 15.11
N ASP A 94 -3.76 -9.42 15.14
CA ASP A 94 -3.26 -10.73 15.53
C ASP A 94 -3.72 -11.10 16.93
N GLY A 95 -3.66 -10.14 17.86
CA GLY A 95 -4.09 -10.44 19.22
C GLY A 95 -5.52 -10.93 19.26
N VAL A 96 -6.44 -10.21 18.60
CA VAL A 96 -7.84 -10.63 18.58
C VAL A 96 -8.00 -11.92 17.81
N LEU A 97 -7.24 -12.09 16.73
CA LEU A 97 -7.36 -13.31 15.93
C LEU A 97 -6.89 -14.53 16.73
N LEU A 98 -5.82 -14.38 17.49
CA LEU A 98 -5.32 -15.51 18.27
C LEU A 98 -6.27 -15.87 19.41
N LYS A 99 -6.95 -14.88 19.99
CA LYS A 99 -7.99 -15.18 20.96
C LYS A 99 -9.08 -16.03 20.33
N ALA A 100 -9.46 -15.71 19.08
CA ALA A 100 -10.48 -16.49 18.40
C ALA A 100 -10.00 -17.91 18.12
N VAL A 101 -8.75 -18.05 17.64
CA VAL A 101 -8.20 -19.38 17.42
C VAL A 101 -8.19 -20.16 18.73
N ALA A 102 -7.64 -19.56 19.79
CA ALA A 102 -7.57 -20.24 21.08
C ALA A 102 -8.93 -20.73 21.53
N GLN A 103 -9.95 -19.85 21.47
CA GLN A 103 -11.28 -20.24 21.91
C GLN A 103 -11.85 -21.34 21.02
N ALA A 104 -11.62 -21.25 19.71
CA ALA A 104 -12.20 -22.22 18.78
C ALA A 104 -11.50 -23.57 18.81
N THR A 105 -10.30 -23.64 19.36
CA THR A 105 -9.52 -24.87 19.38
C THR A 105 -9.35 -25.45 20.79
N GLY A 106 -10.04 -24.89 21.78
CA GLY A 106 -9.91 -25.39 23.13
C GLY A 106 -8.52 -25.33 23.69
N ARG A 107 -7.65 -24.50 23.11
CA ARG A 107 -6.27 -24.36 23.55
C ARG A 107 -6.10 -23.06 24.34
N GLN A 108 -4.90 -22.91 24.90
CA GLN A 108 -4.57 -21.73 25.69
C GLN A 108 -3.96 -20.65 24.81
N LEU A 109 -4.20 -19.40 25.17
CA LEU A 109 -3.80 -18.29 24.33
C LEU A 109 -2.29 -18.26 24.13
N GLU A 110 -1.52 -18.45 25.20
CA GLU A 110 -0.07 -18.35 25.10
C GLU A 110 0.49 -19.47 24.23
N SER A 111 -0.09 -20.66 24.31
CA SER A 111 0.36 -21.76 23.47
C SER A 111 0.13 -21.44 22.00
N VAL A 112 -1.09 -21.03 21.65
CA VAL A 112 -1.37 -20.64 20.27
C VAL A 112 -0.46 -19.49 19.86
N ARG A 113 -0.16 -18.58 20.80
CA ARG A 113 0.64 -17.40 20.46
C ARG A 113 2.06 -17.78 20.11
N ALA A 114 2.68 -18.66 20.90
CA ALA A 114 4.05 -19.07 20.64
C ALA A 114 4.15 -19.77 19.29
N GLU A 115 3.26 -20.73 19.04
CA GLU A 115 3.32 -21.49 17.79
C GLU A 115 3.23 -20.57 16.58
N ALA A 116 2.29 -19.64 16.61
CA ALA A 116 2.12 -18.74 15.46
C ALA A 116 3.37 -17.91 15.21
N ALA A 117 4.06 -17.49 16.28
CA ALA A 117 5.28 -16.72 16.12
C ALA A 117 6.37 -17.56 15.46
N GLU A 118 6.49 -18.84 15.84
CA GLU A 118 7.52 -19.69 15.28
C GLU A 118 7.29 -19.92 13.78
N LYS A 119 6.07 -20.37 13.43
CA LYS A 119 5.78 -20.67 12.04
C LYS A 119 5.68 -19.42 11.17
N GLY A 120 5.51 -18.24 11.78
CA GLY A 120 5.31 -17.04 11.01
C GLY A 120 4.05 -17.06 10.17
N ASP A 121 3.03 -17.79 10.61
CA ASP A 121 1.79 -17.92 9.84
C ASP A 121 0.69 -18.36 10.80
N VAL A 122 -0.38 -17.57 10.89
CA VAL A 122 -1.48 -17.92 11.78
C VAL A 122 -2.35 -19.02 11.18
N GLY A 123 -2.42 -19.09 9.85
CA GLY A 123 -3.31 -20.05 9.22
C GLY A 123 -3.01 -21.49 9.62
N LEU A 124 -1.74 -21.86 9.56
CA LEU A 124 -1.36 -23.24 9.89
C LEU A 124 -1.81 -23.62 11.29
N VAL A 125 -1.64 -22.72 12.26
CA VAL A 125 -2.06 -23.00 13.62
C VAL A 125 -3.58 -23.20 13.68
N ALA A 126 -4.32 -22.26 13.09
CA ALA A 126 -5.78 -22.36 13.13
C ALA A 126 -6.27 -23.68 12.52
N GLU A 127 -5.67 -24.09 11.40
CA GLU A 127 -6.10 -25.33 10.75
C GLU A 127 -5.70 -26.55 11.58
N ASN A 128 -4.41 -26.77 11.74
CA ASN A 128 -3.91 -27.93 12.48
C ASN A 128 -4.24 -27.81 13.96
N SER A 129 -5.52 -27.93 14.30
CA SER A 129 -5.95 -27.83 15.70
C SER A 129 -7.17 -28.70 15.93
N PRO A 138 -23.31 -30.55 12.71
CA PRO A 138 -22.28 -30.04 11.79
C PRO A 138 -22.84 -28.93 10.89
N PRO A 139 -22.19 -27.77 10.86
CA PRO A 139 -22.71 -26.66 10.04
C PRO A 139 -22.59 -26.98 8.57
N PRO A 140 -23.38 -26.33 7.73
CA PRO A 140 -23.26 -26.55 6.27
C PRO A 140 -21.95 -25.98 5.76
N PRO A 141 -21.50 -26.42 4.58
CA PRO A 141 -20.23 -25.90 4.05
C PRO A 141 -20.28 -24.40 3.89
N LEU A 142 -19.15 -23.76 4.17
CA LEU A 142 -19.03 -22.32 3.96
C LEU A 142 -19.12 -21.98 2.47
N THR A 143 -19.67 -20.80 2.19
CA THR A 143 -19.77 -20.29 0.83
C THR A 143 -18.93 -19.02 0.71
N ALA A 144 -18.56 -18.70 -0.54
CA ALA A 144 -17.75 -17.52 -0.78
C ALA A 144 -18.47 -16.26 -0.29
N SER A 145 -19.68 -16.03 -0.79
CA SER A 145 -20.41 -14.84 -0.36
C SER A 145 -20.75 -14.92 1.13
N GLY A 146 -21.02 -16.12 1.64
CA GLY A 146 -21.25 -16.28 3.06
C GLY A 146 -20.06 -15.82 3.89
N VAL A 147 -18.86 -16.31 3.54
CA VAL A 147 -17.66 -15.89 4.24
C VAL A 147 -17.45 -14.40 4.06
N PHE A 148 -17.61 -13.91 2.84
CA PHE A 148 -17.40 -12.48 2.58
C PHE A 148 -18.37 -11.64 3.39
N SER A 149 -19.62 -12.10 3.54
CA SER A 149 -20.60 -11.36 4.32
CA SER A 149 -20.60 -11.36 4.32
C SER A 149 -20.22 -11.33 5.80
N LYS A 150 -19.70 -12.44 6.33
CA LYS A 150 -19.27 -12.45 7.72
C LYS A 150 -18.09 -11.52 7.94
N PHE A 151 -17.19 -11.38 6.95
CA PHE A 151 -16.12 -10.40 7.07
C PHE A 151 -16.70 -8.99 7.19
N ARG A 152 -17.72 -8.67 6.39
CA ARG A 152 -18.30 -7.34 6.43
C ARG A 152 -19.10 -7.12 7.71
N ASP A 153 -19.73 -8.17 8.24
CA ASP A 153 -20.39 -8.05 9.54
C ASP A 153 -19.37 -7.74 10.62
N ILE A 154 -18.22 -8.41 10.60
CA ILE A 154 -17.16 -8.14 11.58
C ILE A 154 -16.78 -6.67 11.53
N ALA A 155 -16.59 -6.13 10.32
CA ALA A 155 -16.12 -4.77 10.18
C ALA A 155 -17.17 -3.73 10.58
N ARG A 156 -18.45 -4.08 10.51
CA ARG A 156 -19.51 -3.15 10.87
C ARG A 156 -19.79 -3.14 12.38
N LEU A 157 -19.28 -4.11 13.13
CA LEU A 157 -19.43 -4.13 14.57
C LEU A 157 -18.61 -3.01 15.20
N THR A 158 -19.26 -2.19 16.02
CA THR A 158 -18.65 -1.04 16.63
C THR A 158 -19.16 -0.88 18.05
N GLY A 159 -18.42 -0.11 18.84
CA GLY A 159 -18.85 0.24 20.19
C GLY A 159 -18.22 -0.64 21.24
N SER A 160 -18.68 -0.44 22.48
CA SER A 160 -18.16 -1.21 23.59
C SER A 160 -18.63 -2.66 23.49
N ALA A 161 -17.76 -3.59 23.88
CA ALA A 161 -17.98 -5.02 23.78
C ALA A 161 -18.03 -5.52 22.33
N SER A 162 -17.73 -4.66 21.36
CA SER A 162 -17.77 -5.10 19.97
C SER A 162 -16.68 -6.11 19.65
N THR A 163 -15.56 -6.08 20.39
CA THR A 163 -14.49 -7.03 20.14
C THR A 163 -14.93 -8.45 20.43
N ALA A 164 -15.73 -8.64 21.49
CA ALA A 164 -16.22 -9.98 21.80
C ALA A 164 -17.17 -10.48 20.72
N LYS A 165 -17.95 -9.58 20.12
CA LYS A 165 -18.86 -9.99 19.05
C LYS A 165 -18.10 -10.36 17.78
N LYS A 166 -17.08 -9.58 17.44
CA LYS A 166 -16.22 -9.95 16.31
C LYS A 166 -15.63 -11.34 16.52
N ILE A 167 -15.20 -11.63 17.75
CA ILE A 167 -14.57 -12.92 18.03
C ILE A 167 -15.57 -14.05 17.84
N ASP A 168 -16.83 -13.84 18.23
CA ASP A 168 -17.84 -14.87 18.06
C ASP A 168 -18.01 -15.23 16.59
N ILE A 169 -18.06 -14.22 15.72
CA ILE A 169 -18.19 -14.47 14.28
C ILE A 169 -16.99 -15.29 13.77
N ILE A 170 -15.79 -14.89 14.15
CA ILE A 170 -14.59 -15.60 13.69
C ILE A 170 -14.63 -17.05 14.15
N LYS A 171 -15.03 -17.28 15.40
CA LYS A 171 -15.14 -18.65 15.89
C LYS A 171 -16.15 -19.44 15.08
N GLY A 172 -17.31 -18.86 14.82
CA GLY A 172 -18.31 -19.54 14.02
C GLY A 172 -17.77 -19.94 12.64
N LEU A 173 -16.95 -19.07 12.04
CA LEU A 173 -16.32 -19.42 10.78
C LEU A 173 -15.40 -20.63 10.92
N PHE A 174 -14.52 -20.59 11.93
CA PHE A 174 -13.54 -21.66 12.09
C PHE A 174 -14.22 -23.01 12.32
N VAL A 175 -15.26 -23.05 13.15
CA VAL A 175 -15.87 -24.35 13.45
C VAL A 175 -16.49 -24.96 12.20
N ALA A 176 -16.88 -24.12 11.24
CA ALA A 176 -17.44 -24.58 9.97
C ALA A 176 -16.37 -24.85 8.92
N CYS A 177 -15.11 -24.56 9.20
CA CYS A 177 -14.05 -24.78 8.23
C CYS A 177 -13.78 -26.26 8.04
N ARG A 178 -13.39 -26.62 6.82
CA ARG A 178 -12.95 -27.97 6.49
C ARG A 178 -11.79 -27.87 5.50
N HIS A 179 -10.91 -28.87 5.56
CA HIS A 179 -9.74 -28.95 4.68
C HIS A 179 -8.88 -27.73 4.92
N SER A 180 -8.55 -26.93 3.89
CA SER A 180 -7.63 -25.81 4.05
C SER A 180 -8.34 -24.48 4.27
N GLU A 181 -9.66 -24.49 4.52
CA GLU A 181 -10.40 -23.23 4.65
C GLU A 181 -9.88 -22.39 5.81
N ALA A 182 -9.68 -23.02 6.97
CA ALA A 182 -9.27 -22.27 8.17
C ALA A 182 -7.96 -21.55 7.95
N ARG A 183 -7.01 -22.22 7.30
CA ARG A 183 -5.74 -21.60 6.93
C ARG A 183 -5.98 -20.23 6.28
N PHE A 184 -6.90 -20.17 5.33
CA PHE A 184 -7.10 -18.96 4.54
C PHE A 184 -8.03 -17.97 5.21
N ILE A 185 -9.00 -18.45 5.99
CA ILE A 185 -9.78 -17.55 6.84
C ILE A 185 -8.83 -16.76 7.76
N ALA A 186 -7.94 -17.46 8.44
CA ALA A 186 -7.05 -16.81 9.39
C ALA A 186 -6.10 -15.83 8.70
N ARG A 187 -5.58 -16.21 7.54
CA ARG A 187 -4.67 -15.31 6.82
C ARG A 187 -5.38 -14.07 6.32
N SER A 188 -6.61 -14.21 5.83
CA SER A 188 -7.36 -13.04 5.37
C SER A 188 -7.63 -12.09 6.53
N LEU A 189 -8.20 -12.59 7.61
CA LEU A 189 -8.43 -11.74 8.78
C LEU A 189 -7.12 -11.15 9.30
N SER A 190 -6.02 -11.90 9.16
CA SER A 190 -4.72 -11.40 9.55
C SER A 190 -4.20 -10.31 8.62
N GLY A 191 -4.78 -10.17 7.43
CA GLY A 191 -4.26 -9.23 6.46
C GLY A 191 -2.99 -9.70 5.78
N ARG A 192 -2.78 -11.01 5.68
CA ARG A 192 -1.54 -11.60 5.14
C ARG A 192 -1.93 -12.84 4.35
N LEU A 193 -2.67 -12.64 3.26
CA LEU A 193 -3.10 -13.80 2.47
C LEU A 193 -1.91 -14.46 1.76
N ARG A 194 -0.91 -13.67 1.34
CA ARG A 194 0.35 -14.20 0.81
C ARG A 194 0.15 -15.02 -0.47
N LEU A 195 -0.75 -14.57 -1.33
CA LEU A 195 -1.00 -15.30 -2.57
C LEU A 195 0.17 -15.19 -3.55
N GLY A 196 0.88 -14.07 -3.54
CA GLY A 196 1.73 -13.73 -4.66
C GLY A 196 0.99 -13.09 -5.81
N LEU A 197 -0.27 -12.74 -5.61
CA LEU A 197 -1.17 -12.27 -6.66
C LEU A 197 -2.07 -11.21 -6.05
N ALA A 198 -2.06 -10.02 -6.64
CA ALA A 198 -2.81 -8.90 -6.07
C ALA A 198 -3.58 -8.14 -7.15
N GLU A 199 -3.73 -6.83 -6.97
CA GLU A 199 -4.62 -6.04 -7.81
C GLU A 199 -4.36 -6.28 -9.30
N GLN A 200 -3.13 -6.11 -9.74
CA GLN A 200 -2.84 -6.19 -11.17
C GLN A 200 -3.13 -7.58 -11.71
N SER A 201 -2.74 -8.61 -10.96
CA SER A 201 -2.95 -9.98 -11.43
C SER A 201 -4.43 -10.37 -11.38
N VAL A 202 -5.16 -9.89 -10.36
CA VAL A 202 -6.58 -10.18 -10.29
C VAL A 202 -7.31 -9.52 -11.44
N LEU A 203 -6.94 -8.28 -11.78
CA LEU A 203 -7.53 -7.61 -12.93
C LEU A 203 -7.23 -8.37 -14.23
N ALA A 204 -6.00 -8.84 -14.39
CA ALA A 204 -5.68 -9.64 -15.55
C ALA A 204 -6.51 -10.93 -15.57
N ALA A 205 -6.67 -11.57 -14.43
CA ALA A 205 -7.48 -12.78 -14.38
C ALA A 205 -8.94 -12.48 -14.74
N LEU A 206 -9.46 -11.33 -14.31
CA LEU A 206 -10.84 -10.98 -14.58
C LEU A 206 -11.05 -10.69 -16.06
N SER A 207 -10.18 -9.87 -16.66
CA SER A 207 -10.33 -9.57 -18.09
C SER A 207 -10.15 -10.84 -18.93
N GLN A 208 -9.23 -11.71 -18.54
CA GLN A 208 -9.08 -12.98 -19.25
C GLN A 208 -10.33 -13.84 -19.09
N ALA A 209 -10.91 -13.87 -17.89
CA ALA A 209 -12.07 -14.72 -17.63
C ALA A 209 -13.26 -14.30 -18.48
N VAL A 210 -13.60 -13.01 -18.47
CA VAL A 210 -14.80 -12.55 -19.18
C VAL A 210 -14.57 -12.45 -20.67
N SER A 211 -13.31 -12.49 -21.13
CA SER A 211 -13.03 -12.56 -22.55
C SER A 211 -13.18 -14.00 -23.06
N LEU A 212 -12.64 -14.98 -22.31
CA LEU A 212 -12.76 -16.36 -22.72
C LEU A 212 -14.17 -16.89 -22.54
N THR A 213 -14.84 -16.49 -21.44
CA THR A 213 -16.18 -16.99 -21.09
C THR A 213 -17.08 -15.78 -20.87
N PRO A 214 -17.64 -15.23 -21.94
CA PRO A 214 -18.39 -13.96 -21.83
C PRO A 214 -19.57 -14.10 -20.89
N PRO A 215 -19.83 -13.10 -20.06
CA PRO A 215 -21.04 -13.12 -19.23
C PRO A 215 -22.30 -12.84 -20.05
N GLY A 216 -23.44 -13.18 -19.45
CA GLY A 216 -24.73 -12.84 -20.01
C GLY A 216 -25.26 -13.79 -21.04
N GLN A 217 -24.70 -14.98 -21.17
CA GLN A 217 -25.20 -15.95 -22.12
C GLN A 217 -26.36 -16.74 -21.52
N GLU A 218 -27.21 -17.26 -22.39
CA GLU A 218 -28.27 -18.18 -21.96
C GLU A 218 -27.65 -19.50 -21.55
N PHE A 219 -28.07 -20.04 -20.40
CA PHE A 219 -27.43 -21.24 -19.91
C PHE A 219 -27.99 -22.47 -20.63
N PRO A 220 -27.15 -23.43 -21.01
CA PRO A 220 -25.68 -23.48 -20.83
C PRO A 220 -24.97 -22.59 -21.86
N PRO A 221 -23.88 -21.93 -21.48
CA PRO A 221 -23.27 -20.96 -22.38
C PRO A 221 -22.72 -21.63 -23.63
N ALA A 222 -23.09 -21.09 -24.79
CA ALA A 222 -22.57 -21.62 -26.05
C ALA A 222 -21.08 -21.35 -26.19
N MET A 223 -20.63 -20.19 -25.73
CA MET A 223 -19.23 -19.79 -25.83
C MET A 223 -18.58 -19.91 -24.45
N VAL A 224 -17.78 -20.97 -24.26
CA VAL A 224 -17.04 -21.15 -23.02
C VAL A 224 -15.56 -20.84 -23.18
N ASP A 225 -15.01 -20.85 -24.41
CA ASP A 225 -13.61 -20.51 -24.63
C ASP A 225 -13.53 -19.76 -25.97
N ALA A 226 -13.63 -18.44 -25.90
CA ALA A 226 -13.58 -17.61 -27.09
C ALA A 226 -12.17 -17.49 -27.67
N GLY A 227 -11.16 -18.09 -27.05
CA GLY A 227 -9.81 -18.06 -27.58
C GLY A 227 -9.44 -19.31 -28.37
N LYS A 228 -10.33 -20.31 -28.35
CA LYS A 228 -10.05 -21.56 -29.04
C LYS A 228 -9.81 -21.35 -30.52
N GLY A 229 -10.61 -20.51 -31.15
CA GLY A 229 -10.52 -20.30 -32.59
C GLY A 229 -9.40 -19.40 -33.06
N LYS A 230 -8.59 -18.87 -32.16
CA LYS A 230 -7.51 -17.97 -32.50
C LYS A 230 -6.18 -18.69 -32.44
N THR A 231 -5.23 -18.22 -33.25
CA THR A 231 -3.85 -18.61 -33.09
C THR A 231 -3.34 -18.15 -31.73
N ALA A 232 -2.30 -18.83 -31.24
CA ALA A 232 -1.69 -18.43 -29.98
C ALA A 232 -1.27 -16.96 -30.01
N GLU A 233 -0.74 -16.50 -31.13
CA GLU A 233 -0.32 -15.11 -31.24
C GLU A 233 -1.52 -14.17 -31.21
N ALA A 234 -2.50 -14.43 -32.07
CA ALA A 234 -3.71 -13.61 -32.05
C ALA A 234 -4.40 -13.66 -30.67
N ARG A 235 -4.39 -14.84 -30.02
CA ARG A 235 -5.01 -14.97 -28.71
C ARG A 235 -4.35 -14.05 -27.71
N LYS A 236 -3.01 -14.04 -27.69
CA LYS A 236 -2.28 -13.20 -26.74
C LYS A 236 -2.52 -11.72 -27.00
N THR A 237 -2.43 -11.30 -28.25
CA THR A 237 -2.70 -9.91 -28.60
C THR A 237 -4.10 -9.52 -28.19
N TRP A 238 -5.07 -10.38 -28.47
CA TRP A 238 -6.47 -10.08 -28.11
C TRP A 238 -6.64 -9.93 -26.60
N LEU A 239 -6.02 -10.80 -25.81
CA LEU A 239 -6.19 -10.73 -24.37
C LEU A 239 -5.48 -9.51 -23.79
N GLU A 240 -4.34 -9.13 -24.37
CA GLU A 240 -3.65 -7.91 -23.93
C GLU A 240 -4.52 -6.67 -24.18
N GLU A 241 -5.16 -6.61 -25.34
CA GLU A 241 -6.03 -5.49 -25.65
C GLU A 241 -7.23 -5.44 -24.71
N GLN A 242 -7.89 -6.58 -24.50
CA GLN A 242 -9.01 -6.60 -23.57
C GLN A 242 -8.55 -6.28 -22.15
N GLY A 243 -7.38 -6.79 -21.76
CA GLY A 243 -6.85 -6.47 -20.46
C GLY A 243 -6.63 -4.98 -20.26
N MET A 244 -6.18 -4.29 -21.33
CA MET A 244 -5.92 -2.85 -21.21
C MET A 244 -7.22 -2.07 -21.06
N ILE A 245 -8.30 -2.51 -21.74
CA ILE A 245 -9.59 -1.86 -21.57
C ILE A 245 -10.00 -1.88 -20.10
N LEU A 246 -9.88 -3.04 -19.45
CA LEU A 246 -10.28 -3.13 -18.05
C LEU A 246 -9.37 -2.27 -17.18
N LYS A 247 -8.05 -2.37 -17.41
CA LYS A 247 -7.10 -1.65 -16.57
C LYS A 247 -7.32 -0.14 -16.64
N GLN A 248 -7.40 0.40 -17.85
CA GLN A 248 -7.54 1.86 -17.95
C GLN A 248 -8.88 2.31 -17.39
N THR A 249 -9.91 1.47 -17.47
CA THR A 249 -11.17 1.82 -16.82
C THR A 249 -11.00 1.76 -15.30
N PHE A 250 -10.33 0.73 -14.79
CA PHE A 250 -10.16 0.60 -13.36
C PHE A 250 -9.31 1.72 -12.79
N CYS A 251 -8.23 2.11 -13.48
CA CYS A 251 -7.38 3.20 -12.99
CA CYS A 251 -7.39 3.20 -12.97
C CYS A 251 -8.16 4.52 -12.89
N GLU A 252 -9.21 4.68 -13.69
CA GLU A 252 -10.05 5.86 -13.63
C GLU A 252 -11.20 5.69 -12.66
N VAL A 253 -11.64 4.45 -12.46
CA VAL A 253 -12.75 4.14 -11.55
C VAL A 253 -12.37 2.89 -10.77
N PRO A 254 -11.42 2.99 -9.81
CA PRO A 254 -10.98 1.79 -9.08
C PRO A 254 -12.02 1.36 -8.06
N ASP A 255 -13.17 0.90 -8.55
CA ASP A 255 -14.29 0.53 -7.70
C ASP A 255 -15.00 -0.65 -8.37
N LEU A 256 -14.78 -1.85 -7.84
CA LEU A 256 -15.42 -3.02 -8.39
C LEU A 256 -16.95 -2.98 -8.21
N ASP A 257 -17.43 -2.37 -7.13
CA ASP A 257 -18.88 -2.24 -6.95
C ASP A 257 -19.52 -1.56 -8.16
N ARG A 258 -18.80 -0.63 -8.79
CA ARG A 258 -19.29 0.03 -9.98
C ARG A 258 -19.02 -0.74 -11.28
N ILE A 259 -17.88 -1.43 -11.35
CA ILE A 259 -17.45 -2.02 -12.61
C ILE A 259 -18.15 -3.35 -12.86
N ILE A 260 -18.21 -4.22 -11.85
CA ILE A 260 -18.71 -5.58 -12.04
C ILE A 260 -20.12 -5.59 -12.57
N PRO A 261 -21.09 -4.86 -11.98
CA PRO A 261 -22.45 -4.87 -12.55
C PRO A 261 -22.47 -4.48 -14.02
N VAL A 262 -21.69 -3.46 -14.39
CA VAL A 262 -21.61 -3.06 -15.79
C VAL A 262 -20.98 -4.17 -16.62
N LEU A 263 -19.87 -4.71 -16.14
CA LEU A 263 -19.16 -5.75 -16.87
C LEU A 263 -20.07 -6.94 -17.14
N LEU A 264 -20.85 -7.36 -16.13
CA LEU A 264 -21.73 -8.51 -16.32
C LEU A 264 -22.89 -8.19 -17.24
N GLU A 265 -23.30 -6.91 -17.29
CA GLU A 265 -24.50 -6.53 -18.02
C GLU A 265 -24.22 -6.13 -19.46
N HIS A 266 -23.08 -5.50 -19.74
CA HIS A 266 -22.77 -5.02 -21.08
C HIS A 266 -21.47 -5.57 -21.65
N GLY A 267 -20.68 -6.29 -20.87
CA GLY A 267 -19.44 -6.86 -21.34
C GLY A 267 -18.26 -5.91 -21.23
N LEU A 268 -17.07 -6.47 -21.46
CA LEU A 268 -15.84 -5.71 -21.27
C LEU A 268 -15.63 -4.69 -22.38
N GLU A 269 -15.95 -5.05 -23.62
CA GLU A 269 -15.66 -4.16 -24.74
C GLU A 269 -16.45 -2.86 -24.66
N ARG A 270 -17.63 -2.88 -24.03
CA ARG A 270 -18.45 -1.69 -23.88
C ARG A 270 -18.31 -1.04 -22.50
N LEU A 271 -17.35 -1.50 -21.69
CA LEU A 271 -17.23 -0.99 -20.33
C LEU A 271 -16.89 0.50 -20.29
N PRO A 272 -15.99 1.03 -21.13
CA PRO A 272 -15.67 2.46 -21.03
C PRO A 272 -16.85 3.38 -21.32
N GLU A 273 -17.83 2.91 -22.09
CA GLU A 273 -18.99 3.75 -22.37
C GLU A 273 -19.77 4.04 -21.11
N HIS A 274 -19.73 3.14 -20.12
CA HIS A 274 -20.55 3.25 -18.92
C HIS A 274 -19.77 3.63 -17.67
N CYS A 275 -18.44 3.43 -17.66
CA CYS A 275 -17.59 3.77 -16.52
C CYS A 275 -16.44 4.64 -17.01
N LYS A 276 -16.39 5.87 -16.51
CA LYS A 276 -15.32 6.78 -16.90
C LYS A 276 -15.02 7.75 -15.78
N LEU A 277 -13.87 8.40 -15.92
CA LEU A 277 -13.39 9.38 -14.95
C LEU A 277 -14.42 10.48 -14.71
N SER A 278 -14.70 10.75 -13.42
CA SER A 278 -15.70 11.73 -13.03
CA SER A 278 -15.71 11.72 -13.04
C SER A 278 -15.35 12.32 -11.69
N PRO A 279 -15.47 13.64 -11.51
CA PRO A 279 -15.24 14.21 -10.19
C PRO A 279 -16.19 13.60 -9.15
N GLY A 280 -15.67 13.34 -7.97
CA GLY A 280 -16.41 12.64 -6.92
C GLY A 280 -16.06 11.18 -6.81
N ILE A 281 -15.35 10.63 -7.78
CA ILE A 281 -14.93 9.22 -7.79
C ILE A 281 -13.41 9.22 -7.80
N PRO A 282 -12.74 8.73 -6.75
CA PRO A 282 -11.28 8.79 -6.74
C PRO A 282 -10.70 7.97 -7.87
N LEU A 283 -9.51 8.37 -8.33
CA LEU A 283 -8.79 7.66 -9.37
C LEU A 283 -7.38 7.33 -8.89
N LYS A 284 -6.77 6.35 -9.55
CA LYS A 284 -5.41 5.95 -9.21
C LYS A 284 -4.46 7.10 -9.55
N PRO A 285 -3.63 7.54 -8.64
CA PRO A 285 -2.69 8.62 -8.94
C PRO A 285 -1.41 8.11 -9.59
N MET A 286 -0.75 9.02 -10.30
CA MET A 286 0.56 8.69 -10.89
C MET A 286 1.60 8.58 -9.80
N LEU A 287 2.41 7.54 -9.87
CA LEU A 287 3.46 7.27 -8.90
C LEU A 287 4.84 7.53 -9.53
N ALA A 288 5.88 7.34 -8.72
CA ALA A 288 7.23 7.73 -9.11
C ALA A 288 8.20 6.58 -8.91
N HIS A 289 9.14 6.48 -9.80
CA HIS A 289 10.24 5.52 -9.77
C HIS A 289 11.46 6.15 -9.13
N PRO A 290 12.07 5.52 -8.13
CA PRO A 290 13.26 6.12 -7.51
C PRO A 290 14.44 6.15 -8.46
N THR A 291 15.18 7.25 -8.43
CA THR A 291 16.35 7.44 -9.28
C THR A 291 17.52 7.86 -8.40
N ARG A 292 18.67 7.24 -8.61
CA ARG A 292 19.79 7.35 -7.70
C ARG A 292 20.72 8.52 -8.00
N GLY A 293 20.45 9.30 -9.05
CA GLY A 293 21.27 10.46 -9.33
C GLY A 293 20.80 11.15 -10.59
N ILE A 294 21.33 12.35 -10.80
CA ILE A 294 20.95 13.13 -11.97
C ILE A 294 21.30 12.38 -13.25
N SER A 295 22.46 11.72 -13.26
CA SER A 295 22.88 11.00 -14.48
C SER A 295 21.88 9.93 -14.86
N GLU A 296 21.29 9.24 -13.87
CA GLU A 296 20.28 8.25 -14.20
C GLU A 296 19.03 8.91 -14.76
N VAL A 297 18.69 10.12 -14.30
CA VAL A 297 17.55 10.84 -14.85
C VAL A 297 17.77 11.09 -16.34
N LEU A 298 18.93 11.64 -16.69
CA LEU A 298 19.21 11.91 -18.10
C LEU A 298 19.25 10.63 -18.92
N LYS A 299 19.82 9.57 -18.38
CA LYS A 299 19.83 8.29 -19.09
C LYS A 299 18.42 7.74 -19.26
N ARG A 300 17.52 8.01 -18.31
CA ARG A 300 16.18 7.44 -18.38
C ARG A 300 15.30 8.20 -19.36
N PHE A 301 15.43 9.52 -19.41
CA PHE A 301 14.65 10.34 -20.32
C PHE A 301 15.39 10.68 -21.61
N GLU A 302 16.70 10.43 -21.67
CA GLU A 302 17.53 10.67 -22.84
C GLU A 302 17.13 11.92 -23.61
N GLU A 303 16.36 11.80 -24.68
CA GLU A 303 16.08 12.94 -25.53
C GLU A 303 14.91 13.81 -25.03
N ALA A 304 13.98 13.23 -24.27
CA ALA A 304 12.75 13.94 -23.95
C ALA A 304 13.01 15.13 -23.04
N ALA A 305 12.38 16.26 -23.36
CA ALA A 305 12.39 17.40 -22.46
C ALA A 305 11.59 17.08 -21.20
N PHE A 306 12.04 17.60 -20.07
CA PHE A 306 11.43 17.30 -18.78
C PHE A 306 11.48 18.52 -17.89
N THR A 307 10.67 18.48 -16.83
CA THR A 307 10.64 19.51 -15.82
C THR A 307 11.02 18.91 -14.47
N CYS A 308 11.66 19.71 -13.64
CA CYS A 308 11.97 19.35 -12.26
C CYS A 308 11.09 20.16 -11.32
N GLU A 309 10.58 19.52 -10.29
CA GLU A 309 9.74 20.17 -9.29
C GLU A 309 10.19 19.76 -7.90
N TYR A 310 10.04 20.69 -6.94
CA TYR A 310 10.23 20.35 -5.55
C TYR A 310 9.36 19.15 -5.18
N LYS A 311 9.91 18.24 -4.38
CA LYS A 311 9.16 17.11 -3.86
C LYS A 311 8.80 17.47 -2.41
N TYR A 312 7.60 17.98 -2.20
CA TYR A 312 7.18 18.46 -0.89
C TYR A 312 6.96 17.29 0.07
N ASP A 313 7.19 17.56 1.35
CA ASP A 313 7.13 16.53 2.39
C ASP A 313 5.83 16.71 3.16
N GLY A 314 4.74 16.25 2.53
CA GLY A 314 3.43 16.32 3.15
C GLY A 314 2.62 15.07 2.87
N GLN A 315 1.37 15.26 2.48
CA GLN A 315 0.47 14.16 2.18
C GLN A 315 -0.28 14.48 0.88
N ARG A 316 -0.44 13.48 0.02
CA ARG A 316 -1.11 13.69 -1.24
C ARG A 316 -2.58 13.97 -1.02
N ALA A 317 -3.11 14.93 -1.77
CA ALA A 317 -4.52 15.31 -1.68
C ALA A 317 -5.05 15.43 -3.10
N GLN A 318 -5.94 14.53 -3.47
CA GLN A 318 -6.61 14.56 -4.77
C GLN A 318 -7.93 15.29 -4.56
N ILE A 319 -8.01 16.51 -5.08
CA ILE A 319 -9.13 17.41 -4.78
C ILE A 319 -10.09 17.42 -5.96
N HIS A 320 -11.32 17.03 -5.71
CA HIS A 320 -12.36 16.96 -6.71
C HIS A 320 -13.37 18.07 -6.45
N ALA A 321 -13.67 18.84 -7.49
CA ALA A 321 -14.75 19.83 -7.48
C ALA A 321 -15.80 19.38 -8.50
N LEU A 322 -16.99 19.07 -8.03
CA LEU A 322 -18.05 18.59 -8.88
C LEU A 322 -18.86 19.75 -9.45
N GLU A 323 -19.47 19.51 -10.62
CA GLU A 323 -20.42 20.48 -11.14
C GLU A 323 -21.54 20.69 -10.13
N GLY A 324 -21.73 21.93 -9.70
CA GLY A 324 -22.68 22.28 -8.66
C GLY A 324 -22.03 22.86 -7.41
N GLY A 325 -20.77 22.50 -7.16
CA GLY A 325 -19.99 23.07 -6.09
C GLY A 325 -19.49 22.09 -5.05
N GLU A 326 -20.03 20.89 -4.99
CA GLU A 326 -19.55 19.94 -3.98
C GLU A 326 -18.07 19.66 -4.17
N VAL A 327 -17.33 19.59 -3.07
CA VAL A 327 -15.91 19.29 -3.08
C VAL A 327 -15.66 17.98 -2.34
N LYS A 328 -14.81 17.15 -2.88
CA LYS A 328 -14.35 15.92 -2.25
C LYS A 328 -12.83 15.87 -2.34
N ILE A 329 -12.21 15.31 -1.31
CA ILE A 329 -10.76 15.18 -1.23
C ILE A 329 -10.43 13.74 -0.89
N PHE A 330 -9.50 13.15 -1.65
CA PHE A 330 -9.13 11.76 -1.48
C PHE A 330 -7.62 11.62 -1.33
N SER A 331 -7.22 10.56 -0.63
CA SER A 331 -5.82 10.29 -0.39
C SER A 331 -5.20 9.55 -1.58
N ARG A 332 -3.90 9.29 -1.48
CA ARG A 332 -3.18 8.52 -2.49
C ARG A 332 -3.82 7.15 -2.70
N ASN A 333 -4.48 6.60 -1.66
CA ASN A 333 -5.07 5.28 -1.72
C ASN A 333 -6.60 5.35 -1.81
N GLN A 334 -7.12 6.44 -2.33
CA GLN A 334 -8.54 6.63 -2.60
C GLN A 334 -9.38 6.66 -1.32
N GLU A 335 -8.76 6.83 -0.16
CA GLU A 335 -9.53 7.03 1.06
C GLU A 335 -10.17 8.41 1.04
N ASP A 336 -11.35 8.51 1.63
CA ASP A 336 -12.07 9.77 1.69
C ASP A 336 -11.50 10.63 2.82
N ASN A 337 -10.96 11.80 2.46
CA ASN A 337 -10.40 12.75 3.42
C ASN A 337 -11.19 14.05 3.45
N THR A 338 -12.39 14.06 2.89
CA THR A 338 -13.17 15.30 2.84
C THR A 338 -13.37 15.88 4.24
N GLY A 339 -13.79 15.04 5.19
CA GLY A 339 -14.06 15.52 6.53
C GLY A 339 -12.82 16.01 7.27
N LYS A 340 -11.63 15.66 6.78
CA LYS A 340 -10.40 16.04 7.43
C LYS A 340 -9.97 17.47 7.09
N TYR A 341 -10.42 18.01 5.95
CA TYR A 341 -9.93 19.29 5.45
C TYR A 341 -11.09 20.25 5.20
N PRO A 342 -11.81 20.64 6.24
CA PRO A 342 -12.84 21.69 6.04
C PRO A 342 -12.22 23.02 5.63
N ASP A 343 -11.01 23.31 6.10
CA ASP A 343 -10.33 24.55 5.72
C ASP A 343 -10.03 24.59 4.22
N ILE A 344 -9.76 23.44 3.61
CA ILE A 344 -9.50 23.41 2.18
C ILE A 344 -10.78 23.58 1.40
N ILE A 345 -11.88 22.99 1.88
CA ILE A 345 -13.15 23.08 1.15
C ILE A 345 -13.58 24.54 1.06
N SER A 346 -13.48 25.28 2.16
CA SER A 346 -13.86 26.68 2.14
C SER A 346 -12.91 27.51 1.28
N ARG A 347 -11.74 27.00 1.00
CA ARG A 347 -10.73 27.71 0.22
C ARG A 347 -10.90 27.55 -1.29
N ILE A 348 -11.70 26.56 -1.72
CA ILE A 348 -11.80 26.28 -3.15
C ILE A 348 -12.22 27.51 -3.97
N PRO A 349 -13.21 28.29 -3.56
CA PRO A 349 -13.57 29.48 -4.37
C PRO A 349 -12.39 30.40 -4.64
N LYS A 350 -11.40 30.45 -3.76
CA LYS A 350 -10.29 31.36 -3.91
C LYS A 350 -9.25 30.87 -4.91
N ILE A 351 -9.18 29.56 -5.16
CA ILE A 351 -8.09 29.03 -5.97
C ILE A 351 -8.42 28.91 -7.45
N LYS A 352 -9.69 28.98 -7.81
CA LYS A 352 -10.12 28.76 -9.18
C LYS A 352 -10.76 30.01 -9.75
N LEU A 353 -10.54 30.24 -11.04
CA LEU A 353 -11.21 31.33 -11.72
C LEU A 353 -12.70 31.05 -11.80
N PRO A 354 -13.53 32.11 -11.87
CA PRO A 354 -14.98 31.89 -11.89
C PRO A 354 -15.47 31.06 -13.07
N SER A 355 -14.68 30.92 -14.13
CA SER A 355 -15.09 30.13 -15.28
C SER A 355 -14.92 28.63 -15.03
N VAL A 356 -14.23 28.25 -13.96
CA VAL A 356 -14.00 26.83 -13.66
C VAL A 356 -15.25 26.27 -12.98
N THR A 357 -15.87 25.28 -13.61
CA THR A 357 -17.09 24.67 -13.09
C THR A 357 -16.85 23.29 -12.49
N SER A 358 -15.73 22.65 -12.79
CA SER A 358 -15.38 21.37 -12.19
C SER A 358 -13.91 21.09 -12.49
N PHE A 359 -13.30 20.27 -11.65
CA PHE A 359 -11.89 19.95 -11.83
C PHE A 359 -11.52 18.79 -10.93
N ILE A 360 -10.40 18.16 -11.26
CA ILE A 360 -9.69 17.25 -10.38
C ILE A 360 -8.25 17.69 -10.34
N LEU A 361 -7.77 18.10 -9.16
CA LEU A 361 -6.43 18.57 -8.95
C LEU A 361 -5.59 17.51 -8.24
N ASP A 362 -4.30 17.50 -8.55
CA ASP A 362 -3.31 16.67 -7.88
C ASP A 362 -2.40 17.61 -7.09
N THR A 363 -2.42 17.49 -5.77
CA THR A 363 -1.69 18.39 -4.91
C THR A 363 -1.01 17.63 -3.79
N GLU A 364 -0.10 18.32 -3.10
CA GLU A 364 0.47 17.86 -1.85
C GLU A 364 0.04 18.82 -0.74
N ALA A 365 -0.58 18.30 0.30
CA ALA A 365 -0.94 19.07 1.47
C ALA A 365 0.26 19.08 2.42
N VAL A 366 0.73 20.28 2.76
CA VAL A 366 1.91 20.46 3.59
C VAL A 366 1.54 21.31 4.80
N ALA A 367 2.07 20.94 5.96
CA ALA A 367 1.83 21.74 7.16
C ALA A 367 2.52 23.08 7.00
N TRP A 368 1.82 24.14 7.41
CA TRP A 368 2.26 25.50 7.14
C TRP A 368 2.11 26.36 8.39
N ASP A 369 3.19 27.04 8.77
CA ASP A 369 3.18 27.95 9.90
C ASP A 369 2.86 29.36 9.40
N ARG A 370 1.68 29.85 9.75
CA ARG A 370 1.24 31.15 9.24
C ARG A 370 1.97 32.31 9.90
N GLU A 371 2.44 32.13 11.13
CA GLU A 371 3.14 33.20 11.82
C GLU A 371 4.54 33.40 11.27
N LYS A 372 5.26 32.30 11.00
CA LYS A 372 6.59 32.36 10.40
C LYS A 372 6.55 32.26 8.89
N LYS A 373 5.42 31.87 8.31
CA LYS A 373 5.30 31.71 6.85
C LYS A 373 6.33 30.70 6.34
N GLN A 374 6.27 29.50 6.90
CA GLN A 374 7.24 28.46 6.60
C GLN A 374 6.55 27.11 6.56
N ILE A 375 7.11 26.19 5.76
CA ILE A 375 6.69 24.80 5.78
C ILE A 375 7.06 24.18 7.12
N GLN A 376 6.20 23.32 7.63
CA GLN A 376 6.47 22.55 8.83
C GLN A 376 6.67 21.07 8.48
N PRO A 377 7.36 20.31 9.35
CA PRO A 377 7.67 18.91 9.01
C PRO A 377 6.42 18.06 8.88
N PHE A 378 6.61 16.90 8.25
CA PHE A 378 5.52 15.94 8.10
C PHE A 378 4.96 15.51 9.44
N GLN A 379 5.80 15.40 10.46
CA GLN A 379 5.33 14.93 11.76
C GLN A 379 4.27 15.87 12.34
N VAL A 380 4.36 17.17 12.05
CA VAL A 380 3.34 18.10 12.52
C VAL A 380 2.05 17.92 11.74
N LEU A 381 2.17 17.67 10.44
CA LEU A 381 0.97 17.46 9.62
C LEU A 381 0.15 16.28 10.14
N THR A 382 0.81 15.23 10.63
CA THR A 382 0.12 14.03 11.08
C THR A 382 -0.66 14.26 12.38
N THR A 383 -0.46 15.37 13.06
CA THR A 383 -1.22 15.62 14.30
C THR A 383 -2.60 16.22 14.05
N ARG A 384 -3.00 16.39 12.79
CA ARG A 384 -4.36 16.84 12.52
C ARG A 384 -5.35 15.71 12.77
N LYS A 385 -6.54 16.07 13.26
CA LYS A 385 -7.59 15.08 13.47
C LYS A 385 -8.08 14.54 12.13
N ARG A 386 -8.60 13.30 12.16
CA ARG A 386 -9.05 12.65 10.94
C ARG A 386 -10.43 13.11 10.51
N LYS A 387 -11.24 13.62 11.44
CA LYS A 387 -12.54 14.22 11.11
C LYS A 387 -12.68 15.47 11.96
N GLU A 388 -12.67 16.64 11.31
CA GLU A 388 -12.85 17.92 11.99
C GLU A 388 -14.03 18.64 11.34
N VAL A 389 -15.05 18.94 12.14
CA VAL A 389 -16.25 19.58 11.62
C VAL A 389 -16.11 21.10 11.55
N ASP A 390 -15.37 21.70 12.48
CA ASP A 390 -15.23 23.14 12.58
C ASP A 390 -13.82 23.53 12.16
N ALA A 391 -13.71 24.32 11.10
CA ALA A 391 -12.41 24.83 10.68
C ALA A 391 -11.77 25.72 11.74
N SER A 392 -12.57 26.29 12.65
CA SER A 392 -12.02 27.17 13.67
C SER A 392 -11.23 26.40 14.73
N GLU A 393 -11.44 25.09 14.83
CA GLU A 393 -10.71 24.26 15.78
C GLU A 393 -9.42 23.71 15.19
N ILE A 394 -9.12 24.00 13.93
CA ILE A 394 -7.88 23.53 13.31
C ILE A 394 -6.70 24.28 13.90
N GLN A 395 -5.68 23.52 14.34
CA GLN A 395 -4.47 24.10 14.90
CA GLN A 395 -4.47 24.10 14.90
C GLN A 395 -3.27 24.01 13.96
N VAL A 396 -3.26 23.08 13.02
CA VAL A 396 -2.18 22.90 12.06
C VAL A 396 -2.73 23.28 10.69
N GLN A 397 -2.39 24.47 10.22
CA GLN A 397 -2.82 24.91 8.90
C GLN A 397 -2.03 24.17 7.83
N VAL A 398 -2.63 24.03 6.64
CA VAL A 398 -1.94 23.41 5.51
C VAL A 398 -1.88 24.38 4.35
N CYS A 399 -0.84 24.23 3.54
CA CYS A 399 -0.71 24.92 2.26
C CYS A 399 -0.73 23.85 1.18
N LEU A 400 -1.54 24.10 0.13
CA LEU A 400 -1.62 23.16 -0.99
C LEU A 400 -0.58 23.52 -2.06
N TYR A 401 0.24 22.55 -2.42
CA TYR A 401 1.20 22.68 -3.53
C TYR A 401 0.65 21.87 -4.70
N ALA A 402 0.09 22.57 -5.68
CA ALA A 402 -0.55 21.93 -6.83
C ALA A 402 0.50 21.64 -7.91
N PHE A 403 0.48 20.42 -8.42
CA PHE A 403 1.40 20.04 -9.47
C PHE A 403 0.76 19.38 -10.69
N ASP A 404 -0.54 19.10 -10.67
CA ASP A 404 -1.15 18.51 -11.85
C ASP A 404 -2.65 18.77 -11.88
N LEU A 405 -3.21 18.72 -13.07
CA LEU A 405 -4.63 18.91 -13.32
C LEU A 405 -5.10 17.76 -14.21
N ILE A 406 -6.00 16.95 -13.70
CA ILE A 406 -6.42 15.73 -14.34
C ILE A 406 -7.75 15.86 -15.06
N TYR A 407 -8.58 16.85 -14.71
CA TYR A 407 -9.94 16.98 -15.22
C TYR A 407 -10.30 18.45 -15.08
N LEU A 408 -10.97 19.00 -16.08
CA LEU A 408 -11.31 20.41 -16.09
C LEU A 408 -12.60 20.64 -16.88
N ASN A 409 -13.59 21.23 -16.21
CA ASN A 409 -14.81 21.72 -16.87
C ASN A 409 -15.45 20.62 -17.72
N GLY A 410 -15.57 19.42 -17.13
CA GLY A 410 -16.23 18.32 -17.78
C GLY A 410 -15.37 17.48 -18.71
N GLU A 411 -14.09 17.81 -18.86
CA GLU A 411 -13.21 17.13 -19.79
C GLU A 411 -12.10 16.42 -19.03
N SER A 412 -11.93 15.12 -19.28
CA SER A 412 -10.76 14.42 -18.81
C SER A 412 -9.51 14.87 -19.58
N LEU A 413 -8.43 15.10 -18.83
CA LEU A 413 -7.15 15.49 -19.38
C LEU A 413 -6.14 14.35 -19.33
N VAL A 414 -6.59 13.13 -19.05
CA VAL A 414 -5.69 12.01 -18.82
C VAL A 414 -4.78 11.75 -20.01
N ARG A 415 -5.25 12.01 -21.23
CA ARG A 415 -4.51 11.68 -22.43
C ARG A 415 -3.75 12.88 -22.99
N GLU A 416 -3.76 14.02 -22.29
CA GLU A 416 -2.98 15.17 -22.71
C GLU A 416 -1.57 15.13 -22.11
N PRO A 417 -0.58 15.68 -22.76
CA PRO A 417 0.78 15.69 -22.19
C PRO A 417 0.88 16.70 -21.06
N LEU A 418 1.83 16.44 -20.16
CA LEU A 418 2.01 17.29 -19.00
C LEU A 418 2.13 18.75 -19.39
N SER A 419 2.83 19.04 -20.49
CA SER A 419 3.02 20.43 -20.90
C SER A 419 1.68 21.16 -21.01
N ARG A 420 0.64 20.46 -21.46
CA ARG A 420 -0.67 21.10 -21.61
C ARG A 420 -1.47 21.06 -20.30
N ARG A 421 -1.41 19.94 -19.56
CA ARG A 421 -2.08 19.89 -18.27
C ARG A 421 -1.57 20.98 -17.35
N ARG A 422 -0.24 21.19 -17.32
CA ARG A 422 0.34 22.24 -16.49
C ARG A 422 -0.07 23.62 -16.99
N GLN A 423 -0.10 23.82 -18.30
CA GLN A 423 -0.53 25.09 -18.85
C GLN A 423 -1.95 25.43 -18.39
N LEU A 424 -2.85 24.46 -18.47
CA LEU A 424 -4.23 24.68 -18.03
C LEU A 424 -4.29 24.93 -16.52
N LEU A 425 -3.43 24.26 -15.75
CA LEU A 425 -3.38 24.51 -14.31
C LEU A 425 -2.95 25.94 -14.02
N ARG A 426 -1.90 26.41 -14.70
CA ARG A 426 -1.39 27.75 -14.45
CA ARG A 426 -1.39 27.75 -14.45
C ARG A 426 -2.38 28.82 -14.90
N GLU A 427 -3.19 28.52 -15.93
CA GLU A 427 -4.10 29.51 -16.48
C GLU A 427 -5.46 29.56 -15.77
N ASN A 428 -5.89 28.47 -15.15
CA ASN A 428 -7.24 28.40 -14.60
C ASN A 428 -7.29 28.51 -13.08
N PHE A 429 -6.15 28.54 -12.41
CA PHE A 429 -6.12 28.55 -10.95
C PHE A 429 -5.25 29.69 -10.45
N VAL A 430 -5.50 30.08 -9.20
CA VAL A 430 -4.98 31.31 -8.62
C VAL A 430 -4.14 30.95 -7.40
N GLU A 431 -2.97 31.55 -7.30
CA GLU A 431 -2.05 31.29 -6.20
C GLU A 431 -2.32 32.25 -5.05
N THR A 432 -2.23 31.73 -3.84
CA THR A 432 -2.26 32.54 -2.62
C THR A 432 -1.17 32.02 -1.69
N GLU A 433 -0.24 32.89 -1.31
CA GLU A 433 0.88 32.50 -0.47
C GLU A 433 0.39 31.82 0.80
N GLY A 434 0.96 30.66 1.11
CA GLY A 434 0.62 29.94 2.32
C GLY A 434 -0.67 29.17 2.27
N GLU A 435 -1.37 29.16 1.13
CA GLU A 435 -2.67 28.50 1.06
C GLU A 435 -2.78 27.61 -0.17
N PHE A 436 -2.44 28.14 -1.35
CA PHE A 436 -2.51 27.38 -2.60
C PHE A 436 -1.48 27.97 -3.56
N VAL A 437 -0.46 27.19 -3.91
CA VAL A 437 0.58 27.64 -4.80
C VAL A 437 0.99 26.50 -5.71
N PHE A 438 1.55 26.85 -6.86
CA PHE A 438 2.08 25.85 -7.78
C PHE A 438 3.43 25.36 -7.30
N ALA A 439 3.68 24.08 -7.45
CA ALA A 439 4.96 23.50 -7.06
C ALA A 439 6.10 24.25 -7.72
N THR A 440 7.11 24.61 -6.94
CA THR A 440 8.30 25.24 -7.49
C THR A 440 8.92 24.31 -8.53
N SER A 441 9.29 24.86 -9.67
CA SER A 441 9.69 24.04 -10.80
C SER A 441 10.81 24.72 -11.59
N LEU A 442 11.45 23.93 -12.45
CA LEU A 442 12.55 24.39 -13.30
C LEU A 442 12.57 23.53 -14.55
N ASP A 443 12.53 24.19 -15.72
CA ASP A 443 12.61 23.50 -17.00
C ASP A 443 14.04 23.63 -17.52
N THR A 444 14.76 22.53 -17.58
CA THR A 444 16.16 22.57 -18.01
C THR A 444 16.63 21.15 -18.33
N LYS A 445 17.74 21.08 -19.06
CA LYS A 445 18.49 19.85 -19.23
C LYS A 445 19.95 20.02 -18.81
N ASP A 446 20.31 21.17 -18.25
CA ASP A 446 21.68 21.45 -17.82
C ASP A 446 21.91 20.79 -16.48
N ILE A 447 22.92 19.90 -16.41
CA ILE A 447 23.13 19.10 -15.22
C ILE A 447 23.49 19.96 -14.02
N GLU A 448 24.21 21.06 -14.24
CA GLU A 448 24.57 21.93 -13.11
C GLU A 448 23.35 22.64 -12.55
N GLN A 449 22.49 23.17 -13.42
CA GLN A 449 21.28 23.83 -12.94
C GLN A 449 20.41 22.87 -12.15
N ILE A 450 20.32 21.62 -12.61
CA ILE A 450 19.52 20.63 -11.89
C ILE A 450 20.11 20.35 -10.52
N ALA A 451 21.44 20.22 -10.46
CA ALA A 451 22.09 19.95 -9.18
C ALA A 451 21.93 21.13 -8.21
N GLU A 452 22.02 22.36 -8.73
CA GLU A 452 21.76 23.52 -7.88
C GLU A 452 20.30 23.55 -7.42
N PHE A 453 19.37 23.23 -8.35
CA PHE A 453 17.96 23.21 -8.00
C PHE A 453 17.69 22.15 -6.93
N LEU A 454 18.32 20.99 -7.05
CA LEU A 454 18.18 19.95 -6.04
C LEU A 454 18.67 20.44 -4.69
N GLU A 455 19.82 21.09 -4.67
CA GLU A 455 20.35 21.61 -3.40
C GLU A 455 19.38 22.62 -2.79
N GLN A 456 18.75 23.45 -3.62
CA GLN A 456 17.82 24.45 -3.09
C GLN A 456 16.58 23.79 -2.50
N SER A 457 16.02 22.78 -3.17
CA SER A 457 14.80 22.15 -2.69
C SER A 457 14.97 21.67 -1.25
N VAL A 458 16.14 21.10 -0.95
CA VAL A 458 16.40 20.66 0.42
C VAL A 458 16.49 21.85 1.37
N LYS A 459 17.21 22.90 0.95
CA LYS A 459 17.27 24.11 1.77
C LYS A 459 15.88 24.70 2.00
N ASP A 460 14.96 24.50 1.06
CA ASP A 460 13.60 24.98 1.18
C ASP A 460 12.64 23.94 1.77
N SER A 461 13.17 22.99 2.54
CA SER A 461 12.36 22.09 3.35
C SER A 461 11.61 21.05 2.51
N CYS A 462 12.32 20.42 1.57
CA CYS A 462 11.74 19.39 0.73
C CYS A 462 12.66 18.18 0.65
N GLU A 463 12.10 17.06 0.20
CA GLU A 463 12.82 15.81 0.13
C GLU A 463 13.77 15.73 -1.06
N GLY A 464 13.58 16.57 -2.06
CA GLY A 464 14.36 16.48 -3.26
C GLY A 464 13.54 17.01 -4.45
N LEU A 465 13.64 16.29 -5.57
CA LEU A 465 13.00 16.69 -6.81
C LEU A 465 12.11 15.59 -7.37
N MET A 466 11.00 16.00 -7.98
CA MET A 466 10.25 15.18 -8.90
C MET A 466 10.64 15.59 -10.32
N VAL A 467 10.85 14.61 -11.20
CA VAL A 467 11.23 14.86 -12.58
C VAL A 467 10.19 14.23 -13.50
N LYS A 468 9.70 15.00 -14.46
CA LYS A 468 8.58 14.58 -15.29
C LYS A 468 8.81 15.07 -16.71
N THR A 469 8.58 14.18 -17.68
CA THR A 469 8.62 14.60 -19.07
C THR A 469 7.42 15.49 -19.40
N LEU A 470 7.64 16.39 -20.35
CA LEU A 470 6.64 17.38 -20.74
C LEU A 470 5.81 16.99 -21.96
N ASP A 471 6.41 16.29 -22.94
CA ASP A 471 5.71 16.01 -24.18
C ASP A 471 5.80 14.56 -24.63
N VAL A 472 6.88 13.87 -24.28
CA VAL A 472 7.10 12.49 -24.72
C VAL A 472 6.73 11.57 -23.57
N ASP A 473 5.78 10.66 -23.82
CA ASP A 473 5.28 9.75 -22.79
C ASP A 473 4.95 10.52 -21.52
N ALA A 474 4.20 11.62 -21.69
CA ALA A 474 3.94 12.57 -20.62
C ALA A 474 2.46 12.64 -20.24
N THR A 475 1.69 11.60 -20.54
CA THR A 475 0.28 11.62 -20.22
C THR A 475 0.06 11.18 -18.76
N TYR A 476 -1.20 11.09 -18.38
CA TYR A 476 -1.60 10.66 -17.04
C TYR A 476 -2.36 9.34 -17.13
N GLU A 477 -1.83 8.39 -17.89
CA GLU A 477 -2.47 7.09 -18.13
C GLU A 477 -1.77 6.05 -17.27
N ILE A 478 -2.34 5.79 -16.10
CA ILE A 478 -1.67 4.90 -15.14
C ILE A 478 -1.61 3.48 -15.68
N ALA A 479 -2.60 3.07 -16.48
CA ALA A 479 -2.57 1.72 -17.03
C ALA A 479 -1.43 1.52 -18.03
N LYS A 480 -0.96 2.59 -18.68
CA LYS A 480 0.20 2.50 -19.55
C LYS A 480 1.49 2.43 -18.73
N ARG A 481 1.64 3.33 -17.77
CA ARG A 481 2.79 3.33 -16.86
C ARG A 481 2.37 3.99 -15.57
N SER A 482 2.38 3.22 -14.48
CA SER A 482 1.96 3.76 -13.20
C SER A 482 3.05 4.58 -12.53
N HIS A 483 4.32 4.31 -12.84
CA HIS A 483 5.44 5.05 -12.29
C HIS A 483 6.13 5.86 -13.37
N ASN A 484 5.39 6.74 -14.02
CA ASN A 484 5.93 7.53 -15.12
C ASN A 484 6.83 8.66 -14.65
N TRP A 485 6.73 9.06 -13.40
CA TRP A 485 7.52 10.14 -12.84
C TRP A 485 8.74 9.59 -12.11
N LEU A 486 9.77 10.42 -11.99
CA LEU A 486 11.01 10.06 -11.30
C LEU A 486 11.15 10.92 -10.07
N LYS A 487 11.57 10.29 -8.97
CA LYS A 487 11.79 10.99 -7.71
C LYS A 487 13.27 10.88 -7.35
N LEU A 488 13.92 12.03 -7.18
CA LEU A 488 15.32 12.13 -6.85
C LEU A 488 15.41 12.74 -5.44
N LYS A 489 15.46 11.89 -4.44
CA LYS A 489 15.55 12.30 -3.05
C LYS A 489 17.00 12.45 -2.63
N LYS A 490 17.23 13.29 -1.62
CA LYS A 490 18.59 13.52 -1.14
C LYS A 490 19.24 12.22 -0.65
N ASP A 491 18.48 11.39 0.07
CA ASP A 491 19.05 10.19 0.67
C ASP A 491 19.30 9.09 -0.36
N TYR A 492 18.77 9.20 -1.57
CA TYR A 492 19.11 8.22 -2.61
C TYR A 492 20.56 8.34 -3.03
N LEU A 493 21.15 9.54 -2.94
CA LEU A 493 22.48 9.77 -3.46
C LEU A 493 23.54 9.13 -2.57
N ASP A 494 24.59 8.61 -3.20
CA ASP A 494 25.69 8.02 -2.45
C ASP A 494 26.45 9.10 -1.69
N GLY A 495 26.88 8.75 -0.47
CA GLY A 495 27.58 9.69 0.37
C GLY A 495 26.75 10.85 0.89
N VAL A 496 25.47 10.90 0.54
CA VAL A 496 24.57 11.95 1.04
C VAL A 496 23.48 11.27 1.86
N GLY A 497 22.96 12.00 2.83
CA GLY A 497 21.92 11.45 3.69
C GLY A 497 22.48 10.86 4.97
N ASP A 498 21.65 10.85 6.00
CA ASP A 498 22.08 10.43 7.33
C ASP A 498 22.43 8.95 7.32
N THR A 499 23.70 8.64 7.64
CA THR A 499 24.18 7.27 7.77
C THR A 499 24.70 7.05 9.17
N LEU A 500 24.26 5.98 9.82
CA LEU A 500 24.62 5.69 11.20
C LEU A 500 25.12 4.26 11.32
N ASP A 501 25.98 4.04 12.32
CA ASP A 501 26.46 2.73 12.71
C ASP A 501 25.79 2.38 14.05
N LEU A 502 24.92 1.38 14.03
CA LEU A 502 24.07 1.05 15.17
C LEU A 502 24.28 -0.40 15.56
N VAL A 503 24.07 -0.66 16.87
CA VAL A 503 24.35 -1.98 17.46
C VAL A 503 23.09 -2.83 17.41
N VAL A 504 23.24 -4.09 17.02
CA VAL A 504 22.12 -5.02 17.01
C VAL A 504 21.95 -5.58 18.41
N ILE A 505 20.80 -5.31 19.02
CA ILE A 505 20.53 -5.74 20.39
C ILE A 505 19.40 -6.74 20.49
N GLY A 506 18.68 -6.99 19.39
CA GLY A 506 17.57 -7.94 19.43
C GLY A 506 17.18 -8.39 18.03
N ALA A 507 16.41 -9.47 17.98
CA ALA A 507 15.95 -10.04 16.74
C ALA A 507 14.49 -10.39 16.86
N TYR A 508 13.76 -10.25 15.75
CA TYR A 508 12.34 -10.57 15.68
C TYR A 508 12.13 -11.68 14.66
N LEU A 509 11.29 -12.65 15.02
CA LEU A 509 11.02 -13.77 14.13
C LEU A 509 10.30 -13.28 12.88
N GLY A 510 10.74 -13.76 11.73
CA GLY A 510 10.16 -13.35 10.47
C GLY A 510 8.81 -14.00 10.22
N ARG A 511 8.06 -13.37 9.31
CA ARG A 511 6.77 -13.87 8.89
C ARG A 511 6.76 -14.03 7.37
N GLY A 512 5.83 -14.85 6.89
CA GLY A 512 5.68 -15.08 5.45
C GLY A 512 6.97 -15.45 4.77
N LYS A 513 7.42 -14.60 3.84
CA LYS A 513 8.67 -14.84 3.14
C LYS A 513 9.86 -14.91 4.08
N ARG A 514 9.73 -14.42 5.32
CA ARG A 514 10.82 -14.45 6.28
C ARG A 514 10.67 -15.56 7.31
N ALA A 515 9.66 -16.41 7.17
CA ALA A 515 9.41 -17.45 8.17
C ALA A 515 10.63 -18.35 8.34
N GLY A 516 10.80 -18.86 9.56
CA GLY A 516 11.99 -19.62 9.88
C GLY A 516 13.25 -18.81 9.89
N ARG A 517 13.14 -17.50 10.04
CA ARG A 517 14.27 -16.59 9.93
C ARG A 517 13.96 -15.36 10.78
N TYR A 518 14.96 -14.52 10.96
CA TYR A 518 14.76 -13.22 11.59
C TYR A 518 14.23 -12.25 10.53
N GLY A 519 13.09 -11.64 10.79
CA GLY A 519 12.50 -10.72 9.85
C GLY A 519 12.96 -9.29 10.07
N GLY A 520 13.33 -8.99 11.31
CA GLY A 520 13.77 -7.65 11.65
C GLY A 520 14.63 -7.68 12.89
N PHE A 521 15.23 -6.52 13.19
CA PHE A 521 16.19 -6.42 14.27
C PHE A 521 15.97 -5.11 15.01
N LEU A 522 16.31 -5.13 16.29
CA LEU A 522 16.28 -3.94 17.13
C LEU A 522 17.70 -3.37 17.18
N LEU A 523 17.83 -2.10 16.85
CA LEU A 523 19.12 -1.42 16.83
C LEU A 523 19.20 -0.41 17.95
N ALA A 524 20.43 -0.03 18.30
CA ALA A 524 20.66 0.89 19.41
C ALA A 524 21.86 1.76 19.11
N SER A 525 21.81 3.00 19.61
CA SER A 525 22.95 3.89 19.67
C SER A 525 23.62 3.78 21.03
N TYR A 526 24.80 4.38 21.14
CA TYR A 526 25.60 4.29 22.37
C TYR A 526 25.56 5.62 23.09
N ASP A 527 25.00 5.62 24.30
CA ASP A 527 24.97 6.81 25.14
C ASP A 527 26.25 6.83 25.99
N GLU A 528 27.18 7.72 25.63
CA GLU A 528 28.45 7.79 26.33
C GLU A 528 28.26 8.09 27.82
N ASP A 529 27.34 8.99 28.14
CA ASP A 529 27.24 9.49 29.51
C ASP A 529 26.86 8.38 30.49
N SER A 530 25.89 7.55 30.12
CA SER A 530 25.46 6.44 30.96
C SER A 530 26.13 5.12 30.61
N GLU A 531 26.93 5.06 29.55
CA GLU A 531 27.55 3.81 29.08
C GLU A 531 26.49 2.74 28.86
N GLU A 532 25.37 3.14 28.27
CA GLU A 532 24.26 2.25 27.98
C GLU A 532 23.99 2.28 26.48
N LEU A 533 23.46 1.18 25.96
CA LEU A 533 22.99 1.13 24.59
C LEU A 533 21.50 1.40 24.61
N GLN A 534 21.06 2.36 23.78
CA GLN A 534 19.70 2.85 23.78
C GLN A 534 19.04 2.51 22.44
N ALA A 535 17.98 1.70 22.50
CA ALA A 535 17.22 1.35 21.32
C ALA A 535 16.82 2.62 20.57
N ILE A 536 16.98 2.60 19.25
CA ILE A 536 16.73 3.79 18.45
C ILE A 536 15.71 3.50 17.35
N CYS A 537 15.70 2.28 16.83
CA CYS A 537 14.75 1.90 15.80
C CYS A 537 14.84 0.40 15.56
N LYS A 538 13.86 -0.12 14.83
CA LYS A 538 13.91 -1.46 14.26
C LYS A 538 14.35 -1.38 12.80
N LEU A 539 14.80 -2.52 12.26
CA LEU A 539 15.33 -2.59 10.92
C LEU A 539 14.87 -3.90 10.28
N GLY A 540 14.39 -3.81 9.04
CA GLY A 540 13.85 -4.98 8.38
C GLY A 540 13.88 -4.93 6.85
N THR A 541 14.65 -4.01 6.28
CA THR A 541 14.81 -3.95 4.85
C THR A 541 16.20 -3.44 4.52
N GLY A 542 16.69 -3.82 3.34
CA GLY A 542 18.01 -3.47 2.88
C GLY A 542 18.96 -4.65 2.71
N PHE A 543 18.61 -5.82 3.25
CA PHE A 543 19.45 -7.00 3.09
C PHE A 543 18.91 -7.87 1.96
N SER A 544 19.84 -8.54 1.26
CA SER A 544 19.46 -9.60 0.34
C SER A 544 18.98 -10.81 1.14
N ASP A 545 18.38 -11.77 0.43
CA ASP A 545 18.02 -13.03 1.07
C ASP A 545 19.24 -13.75 1.61
N GLU A 546 20.37 -13.62 0.93
CA GLU A 546 21.60 -14.28 1.39
C GLU A 546 22.15 -13.59 2.63
N GLU A 547 22.30 -12.27 2.58
CA GLU A 547 22.75 -11.53 3.76
C GLU A 547 21.85 -11.81 4.95
N LEU A 548 20.53 -11.91 4.72
CA LEU A 548 19.62 -12.15 5.82
C LEU A 548 19.79 -13.54 6.40
N GLU A 549 20.09 -14.53 5.56
CA GLU A 549 20.36 -15.87 6.07
C GLU A 549 21.68 -15.92 6.85
N GLU A 550 22.71 -15.26 6.32
CA GLU A 550 23.97 -15.17 7.05
C GLU A 550 23.75 -14.53 8.43
N HIS A 551 22.89 -13.52 8.50
CA HIS A 551 22.64 -12.85 9.77
C HIS A 551 21.86 -13.74 10.73
N HIS A 552 20.99 -14.61 10.20
CA HIS A 552 20.29 -15.55 11.08
C HIS A 552 21.27 -16.52 11.74
N GLN A 553 22.28 -16.98 10.99
CA GLN A 553 23.22 -17.95 11.52
C GLN A 553 24.25 -17.29 12.44
N SER A 554 24.76 -16.13 12.06
CA SER A 554 25.80 -15.49 12.86
C SER A 554 25.25 -14.91 14.16
N LEU A 555 23.99 -14.46 14.16
CA LEU A 555 23.38 -13.91 15.35
C LEU A 555 22.73 -14.97 16.23
N LYS A 556 22.46 -16.16 15.68
CA LYS A 556 21.88 -17.23 16.47
C LYS A 556 22.79 -17.59 17.64
N ALA A 557 24.11 -17.52 17.41
CA ALA A 557 25.04 -17.81 18.49
C ALA A 557 24.96 -16.78 19.61
N LEU A 558 24.61 -15.54 19.28
CA LEU A 558 24.61 -14.45 20.24
C LEU A 558 23.33 -14.35 21.04
N VAL A 559 22.43 -15.33 20.91
CA VAL A 559 21.15 -15.24 21.61
C VAL A 559 21.36 -15.37 23.12
N LEU A 560 20.62 -14.59 23.89
CA LEU A 560 20.65 -14.58 25.33
C LEU A 560 19.26 -14.86 25.90
N PRO A 561 19.16 -15.53 27.05
CA PRO A 561 17.84 -15.72 27.66
C PRO A 561 17.23 -14.46 28.23
N SER A 562 18.05 -13.48 28.59
CA SER A 562 17.61 -12.23 29.19
C SER A 562 18.50 -11.11 28.69
N PRO A 563 18.03 -9.86 28.79
CA PRO A 563 18.83 -8.74 28.27
C PRO A 563 19.96 -8.35 29.20
N ARG A 564 21.03 -7.84 28.58
CA ARG A 564 22.13 -7.27 29.35
C ARG A 564 21.61 -6.10 30.18
N PRO A 565 22.24 -5.81 31.32
CA PRO A 565 21.75 -4.72 32.17
C PRO A 565 21.96 -3.34 31.57
N TYR A 566 22.94 -3.17 30.68
CA TYR A 566 23.24 -1.89 30.09
C TYR A 566 22.47 -1.62 28.79
N VAL A 567 21.47 -2.43 28.46
CA VAL A 567 20.65 -2.24 27.27
C VAL A 567 19.30 -1.70 27.73
N ARG A 568 18.93 -0.53 27.21
CA ARG A 568 17.66 0.12 27.52
C ARG A 568 16.83 0.21 26.25
N ILE A 569 15.61 -0.35 26.31
CA ILE A 569 14.67 -0.29 25.19
C ILE A 569 13.39 0.46 25.54
N ASP A 570 13.11 0.69 26.83
CA ASP A 570 11.88 1.33 27.27
C ASP A 570 10.66 0.69 26.61
N GLY A 571 9.93 1.45 25.81
CA GLY A 571 8.67 1.00 25.27
C GLY A 571 8.73 0.24 23.96
N ALA A 572 9.92 0.01 23.42
CA ALA A 572 10.02 -0.67 22.14
C ALA A 572 9.49 -2.09 22.24
N VAL A 573 9.09 -2.63 21.10
CA VAL A 573 8.68 -4.03 21.04
C VAL A 573 9.83 -4.89 21.57
N ILE A 574 9.53 -5.72 22.55
CA ILE A 574 10.57 -6.61 23.11
C ILE A 574 10.99 -7.61 22.04
N PRO A 575 12.28 -7.77 21.76
CA PRO A 575 12.69 -8.74 20.76
C PRO A 575 12.33 -10.16 21.17
N ASP A 576 12.04 -10.99 20.17
CA ASP A 576 11.85 -12.41 20.42
C ASP A 576 13.14 -13.02 20.95
N HIS A 577 14.28 -12.57 20.45
CA HIS A 577 15.59 -13.08 20.86
C HIS A 577 16.49 -11.90 21.21
N TRP A 578 16.88 -11.81 22.48
CA TRP A 578 17.91 -10.86 22.87
C TRP A 578 19.26 -11.28 22.30
N LEU A 579 20.08 -10.30 21.97
CA LEU A 579 21.39 -10.54 21.37
C LEU A 579 22.46 -9.79 22.14
N ASP A 580 23.61 -10.44 22.31
CA ASP A 580 24.75 -9.81 22.96
C ASP A 580 25.25 -8.65 22.10
N PRO A 581 25.27 -7.42 22.60
CA PRO A 581 25.74 -6.30 21.77
C PRO A 581 27.12 -6.56 21.19
N SER A 582 27.16 -6.84 19.89
CA SER A 582 28.42 -7.14 19.22
C SER A 582 28.39 -6.61 17.79
N ALA A 583 27.42 -7.08 16.99
CA ALA A 583 27.34 -6.66 15.60
C ALA A 583 26.97 -5.19 15.50
N VAL A 584 27.70 -4.46 14.67
CA VAL A 584 27.43 -3.06 14.37
C VAL A 584 27.15 -2.95 12.88
N TRP A 585 25.99 -2.38 12.53
CA TRP A 585 25.54 -2.29 11.14
C TRP A 585 25.45 -0.84 10.71
N GLU A 586 25.86 -0.57 9.47
CA GLU A 586 25.65 0.74 8.87
C GLU A 586 24.24 0.83 8.32
N VAL A 587 23.53 1.90 8.69
CA VAL A 587 22.13 2.06 8.36
C VAL A 587 21.93 3.47 7.80
N LYS A 588 21.13 3.58 6.75
CA LYS A 588 20.78 4.85 6.16
C LYS A 588 19.31 5.14 6.42
N CYS A 589 18.97 6.41 6.52
CA CYS A 589 17.58 6.83 6.72
C CYS A 589 17.34 8.14 5.98
N ALA A 590 16.08 8.45 5.78
CA ALA A 590 15.71 9.70 5.14
C ALA A 590 15.84 10.88 6.11
N ASP A 591 15.61 10.66 7.40
CA ASP A 591 15.65 11.72 8.40
C ASP A 591 15.55 11.07 9.78
N LEU A 592 15.68 11.91 10.81
CA LEU A 592 15.47 11.52 12.18
C LEU A 592 14.20 12.18 12.69
N SER A 593 13.47 11.46 13.55
CA SER A 593 12.22 11.92 14.09
C SER A 593 12.24 11.87 15.61
N LEU A 594 11.34 12.65 16.23
CA LEU A 594 11.18 12.64 17.67
C LEU A 594 10.23 11.51 18.05
N SER A 595 10.72 10.55 18.83
CA SER A 595 9.98 9.31 18.99
C SER A 595 9.15 9.34 20.27
N PRO A 596 7.95 8.78 20.24
CA PRO A 596 7.19 8.60 21.48
C PRO A 596 7.55 7.34 22.26
N ILE A 597 8.44 6.49 21.76
CA ILE A 597 8.75 5.25 22.46
C ILE A 597 10.24 5.03 22.62
N TYR A 598 11.04 5.39 21.61
CA TYR A 598 12.44 4.97 21.61
C TYR A 598 13.26 5.83 22.57
N PRO A 599 14.11 5.22 23.41
CA PRO A 599 14.83 6.01 24.42
C PRO A 599 16.08 6.70 23.90
N ALA A 600 16.53 6.39 22.69
CA ALA A 600 17.78 6.92 22.17
C ALA A 600 17.79 8.45 22.26
N ALA A 601 18.75 8.98 23.03
CA ALA A 601 18.99 10.41 23.12
C ALA A 601 17.88 11.17 23.82
N ARG A 602 17.06 10.48 24.61
CA ARG A 602 16.01 11.18 25.35
C ARG A 602 16.63 12.17 26.32
N GLY A 603 16.08 13.38 26.36
CA GLY A 603 16.59 14.44 27.21
C GLY A 603 17.64 15.32 26.57
N LEU A 604 18.18 14.92 25.42
CA LEU A 604 19.19 15.75 24.75
C LEU A 604 18.55 16.83 23.89
N VAL A 605 17.46 16.50 23.21
CA VAL A 605 16.73 17.47 22.41
C VAL A 605 15.32 17.72 22.95
N ASP A 606 14.76 16.81 23.73
CA ASP A 606 13.41 16.91 24.25
C ASP A 606 13.35 16.12 25.54
N SER A 607 12.74 16.70 26.57
CA SER A 607 12.78 16.09 27.89
C SER A 607 12.13 14.71 27.89
N ASP A 608 11.03 14.55 27.17
CA ASP A 608 10.24 13.34 27.23
C ASP A 608 10.53 12.35 26.12
N LYS A 609 10.96 12.82 24.95
CA LYS A 609 11.04 11.99 23.76
C LYS A 609 12.48 11.74 23.35
N GLY A 610 12.75 10.52 22.93
CA GLY A 610 13.98 10.19 22.24
C GLY A 610 13.86 10.41 20.75
N ILE A 611 14.79 9.80 19.99
CA ILE A 611 14.92 10.02 18.57
C ILE A 611 14.94 8.67 17.86
N SER A 612 14.28 8.58 16.71
CA SER A 612 14.26 7.38 15.91
C SER A 612 14.62 7.73 14.46
N LEU A 613 14.60 6.73 13.59
CA LEU A 613 15.01 6.88 12.19
C LEU A 613 13.80 6.74 11.27
N ARG A 614 13.68 7.66 10.33
CA ARG A 614 12.62 7.61 9.33
C ARG A 614 13.09 6.80 8.12
N ALA A 615 12.40 5.72 7.82
CA ALA A 615 12.70 4.87 6.68
C ALA A 615 14.13 4.32 6.78
N PRO A 616 14.48 3.62 7.86
CA PRO A 616 15.81 3.03 7.94
C PRO A 616 15.92 1.83 7.00
N ARG A 617 17.15 1.58 6.54
CA ARG A 617 17.41 0.41 5.72
C ARG A 617 18.88 -0.01 5.86
N PHE A 618 19.10 -1.31 5.81
CA PHE A 618 20.43 -1.87 5.96
C PHE A 618 21.31 -1.53 4.77
N ILE A 619 22.56 -1.19 5.06
CA ILE A 619 23.57 -0.96 4.03
C ILE A 619 24.61 -2.08 4.01
N ARG A 620 25.33 -2.26 5.11
CA ARG A 620 26.39 -3.25 5.16
C ARG A 620 26.82 -3.41 6.60
N VAL A 621 27.43 -4.57 6.90
CA VAL A 621 28.01 -4.78 8.21
C VAL A 621 29.26 -3.93 8.36
N ARG A 622 29.50 -3.42 9.57
CA ARG A 622 30.72 -2.71 9.92
C ARG A 622 31.55 -3.64 10.81
N GLU A 623 32.30 -4.53 10.17
CA GLU A 623 33.15 -5.46 10.91
C GLU A 623 34.26 -4.74 11.66
N ASP A 624 34.60 -3.52 11.26
CA ASP A 624 35.68 -2.76 11.86
C ASP A 624 35.23 -1.89 13.02
N LYS A 625 34.09 -2.21 13.66
CA LYS A 625 33.57 -1.40 14.74
C LYS A 625 32.94 -2.26 15.82
N GLN A 626 33.30 -2.00 17.06
CA GLN A 626 32.69 -2.59 18.23
C GLN A 626 31.58 -1.69 18.76
N PRO A 627 30.70 -2.22 19.61
CA PRO A 627 29.55 -1.41 20.07
C PRO A 627 29.95 -0.08 20.69
N GLU A 628 31.07 -0.03 21.43
CA GLU A 628 31.46 1.21 22.08
C GLU A 628 31.80 2.31 21.08
N GLN A 629 32.07 1.94 19.82
CA GLN A 629 32.38 2.91 18.77
C GLN A 629 31.22 3.12 17.82
N ALA A 630 30.02 2.68 18.19
CA ALA A 630 28.84 2.95 17.39
C ALA A 630 28.50 4.44 17.42
N THR A 631 27.54 4.82 16.59
CA THR A 631 27.02 6.19 16.62
C THR A 631 26.49 6.49 18.01
N THR A 632 26.94 7.61 18.58
CA THR A 632 26.56 7.95 19.94
C THR A 632 25.23 8.70 19.94
N SER A 633 24.53 8.62 21.07
CA SER A 633 23.28 9.34 21.22
C SER A 633 23.48 10.83 21.09
N ALA A 634 24.63 11.34 21.52
CA ALA A 634 24.93 12.76 21.31
C ALA A 634 25.04 13.09 19.83
N GLN A 635 25.68 12.22 19.06
CA GLN A 635 25.74 12.42 17.62
C GLN A 635 24.36 12.37 16.99
N VAL A 636 23.52 11.45 17.47
CA VAL A 636 22.14 11.39 16.99
C VAL A 636 21.44 12.72 17.25
N ALA A 637 21.57 13.23 18.46
CA ALA A 637 20.96 14.52 18.78
C ALA A 637 21.53 15.62 17.90
N CYS A 638 22.85 15.61 17.69
CA CYS A 638 23.47 16.62 16.83
C CYS A 638 22.88 16.55 15.42
N LEU A 639 22.78 15.36 14.86
CA LEU A 639 22.20 15.22 13.53
C LEU A 639 20.76 15.74 13.51
N TYR A 640 19.96 15.41 14.53
CA TYR A 640 18.58 15.85 14.53
C TYR A 640 18.48 17.37 14.59
N ARG A 641 19.42 18.03 15.27
CA ARG A 641 19.38 19.49 15.36
C ARG A 641 19.73 20.13 14.03
N LYS A 642 20.69 19.54 13.29
CA LYS A 642 21.00 20.05 11.96
C LYS A 642 19.76 20.08 11.07
N GLN A 643 18.82 19.17 11.31
CA GLN A 643 17.62 19.09 10.47
C GLN A 643 16.76 20.34 10.61
N SER A 644 16.41 20.70 11.84
CA SER A 644 15.45 21.76 12.11
C SER A 644 16.14 23.10 12.37
N GLN A 645 16.99 23.50 11.42
CA GLN A 645 17.72 24.75 11.54
C GLN A 645 17.04 25.88 10.76
C8 MES E . 7.76 -21.18 -12.44
S MES E . 6.28 -21.82 -12.03
O1S MES E . 5.24 -20.78 -12.18
O2S MES E . 6.30 -22.30 -10.63
O3S MES E . 5.97 -22.93 -12.96
P AMP F . 7.10 8.57 -3.19
O1P AMP F . 7.08 7.63 -4.37
O2P AMP F . 8.41 8.66 -2.44
O3P AMP F . 5.80 8.39 -2.25
O5' AMP F . 6.95 10.01 -3.85
C5' AMP F . 5.76 10.38 -4.52
C4' AMP F . 4.93 11.33 -3.69
O4' AMP F . 5.59 12.61 -3.58
C3' AMP F . 3.58 11.68 -4.26
O3' AMP F . 2.62 10.66 -4.05
C2' AMP F . 3.24 13.03 -3.58
O2' AMP F . 2.56 12.87 -2.34
C1' AMP F . 4.63 13.59 -3.27
N9 AMP F . 4.93 14.84 -4.01
C8 AMP F . 5.35 15.95 -3.41
N7 AMP F . 5.56 16.97 -4.28
C5 AMP F . 5.27 16.48 -5.48
C6 AMP F . 5.28 17.04 -6.83
N6 AMP F . 5.66 18.32 -6.99
N1 AMP F . 4.91 16.23 -7.84
C2 AMP F . 4.54 14.95 -7.62
N3 AMP F . 4.52 14.36 -6.41
C4 AMP F . 4.85 15.08 -5.32
H5'1 AMP F . 5.17 9.49 -4.76
H5'2 AMP F . 6.01 10.87 -5.48
H4' AMP F . 4.81 10.89 -2.69
H3' AMP F . 3.67 11.88 -5.33
HO3' AMP F . 2.61 10.06 -4.81
H2' AMP F . 2.68 13.65 -4.29
HO2' AMP F . 2.01 12.08 -2.37
H1' AMP F . 4.68 13.82 -2.19
H8 AMP F . 5.49 16.04 -2.34
HN61 AMP F . 5.68 18.75 -7.89
HN62 AMP F . 5.90 18.86 -6.18
H2 AMP F . 4.25 14.35 -8.47
O1 MES G . -14.00 -9.98 31.04
C2 MES G . -14.69 -8.96 30.33
C3 MES G . -14.81 -9.28 28.84
N4 MES G . -13.50 -9.61 28.31
C5 MES G . -12.75 -10.61 29.07
C6 MES G . -12.69 -10.19 30.53
C7 MES G . -13.55 -9.86 26.86
C8 MES G . -12.23 -9.44 26.21
S MES G . -12.35 -9.36 24.55
O1S MES G . -11.00 -9.13 23.99
O2S MES G . -13.23 -8.22 24.18
O3S MES G . -12.89 -10.64 24.06
H21 MES G . -15.69 -8.83 30.75
H22 MES G . -14.17 -8.01 30.46
H31 MES G . -15.23 -8.42 28.32
H32 MES G . -15.48 -10.13 28.70
HN4 MES G . -12.96 -8.75 28.40
H51 MES G . -11.74 -10.70 28.66
H52 MES G . -13.24 -11.58 28.97
H61 MES G . -12.18 -10.96 31.11
H62 MES G . -12.11 -9.27 30.62
H71 MES G . -14.38 -9.30 26.41
H72 MES G . -13.72 -10.92 26.67
H81 MES G . -11.44 -10.14 26.49
H82 MES G . -11.95 -8.45 26.59
#